data_5E3A
#
_entry.id   5E3A
#
_cell.length_a   119.558
_cell.length_b   105.757
_cell.length_c   64.992
_cell.angle_alpha   90.00
_cell.angle_beta   93.43
_cell.angle_gamma   90.00
#
_symmetry.space_group_name_H-M   'C 1 2 1'
#
loop_
_entity.id
_entity.type
_entity.pdbx_description
1 polymer 'Dipeptidyl peptidase 3'
2 polymer Leu-enkephalin
3 non-polymer 'ZINC ION'
4 non-polymer 'MAGNESIUM ION'
5 non-polymer 'POTASSIUM ION'
6 water water
#
loop_
_entity_poly.entity_id
_entity_poly.type
_entity_poly.pdbx_seq_one_letter_code
_entity_poly.pdbx_strand_id
1 'polypeptide(L)'
;MADTQYILPNDIGVSSLDSREAFRLLSPTERLYAYHLSRAAWYGGLAVLLQTSPEAPYIYALLSRLFRAQDPDQLRQHAL
AEGLTEEEYQAFLVYAAGVYSNMGNYKSFGDTKFVPNLPKEKLERVILGSEAAQQHPEEVRGLWQTCGELMFSLEPRLRH
LGLGKEGITTYFSGNCTMEDAKLAQDFLDSQNLSAYNTRLFKEVDGCGKPYYEVRLASVLGSEPSLDSEVTSKLKSYEFR
GSPFQVTRGDYAPILQKVVEQLEKAKAYAANSHQGQMLAQYIESFTQGSIEAHKRGSRFWIQDKGPIVESYIGFIESYRD
PFGSRGEFEGFVAVVNKAMSAKFERLVASAEQLLKELPWPPTFEKDKFLTPDFTSLDVLTFAGSGIPAGINIPNYDDLRQ
TEGFKNVSLGNVLAVAYATQREKLTFLEEDDKDLYILWKGPSFDVQVGLHALLGHGSGKLFVQDEKGAFNFDQETVINPE
TGEQIQSWYRCGETWDSKFSTIASSYEECRAESVGLYLSLHPQVLEIFGFEGADAEDVIYVNWLNMVRAGLLALEFYTPE
AFNWRQAHMQARFVILRVLLEAGEGLVTITPTTGSDGRPDARVRLDRSKIRSVGKPALERFLRRLQVLKSTGDVAGGRAL
YEGYATVTDAPPESFLTLRDTVLLRKESRKLIVQPNTRLEGSDVQLLEYEASAAGLIRSFSERFPEDGPELEEILTQLAT
ADARFW
;
A
2 'polypeptide(L)' YGGFL B
#
# COMPACT_ATOMS: atom_id res chain seq x y z
N ALA A 2 1.86 26.23 7.82
CA ALA A 2 2.93 25.47 7.19
C ALA A 2 3.47 24.41 8.14
N ASP A 3 4.06 23.36 7.57
CA ASP A 3 4.61 22.28 8.37
C ASP A 3 5.90 21.73 7.79
N THR A 4 6.88 21.48 8.67
CA THR A 4 8.19 21.01 8.26
C THR A 4 8.15 19.58 7.73
N GLN A 5 8.94 19.32 6.69
CA GLN A 5 9.12 17.96 6.21
C GLN A 5 9.75 17.12 7.32
N TYR A 6 9.45 15.82 7.31
CA TYR A 6 10.00 14.84 8.25
C TYR A 6 9.52 15.01 9.69
N ILE A 7 8.44 15.75 9.88
CA ILE A 7 7.73 15.75 11.16
C ILE A 7 6.23 15.75 10.94
N LEU A 8 5.49 15.16 11.88
CA LEU A 8 4.04 15.22 11.86
C LEU A 8 3.59 16.42 12.68
N PRO A 9 2.70 17.24 12.11
CA PRO A 9 2.23 18.44 12.82
C PRO A 9 1.37 18.09 14.03
N ASN A 10 1.41 18.92 15.06
CA ASN A 10 0.62 18.70 16.27
C ASN A 10 -0.87 18.65 15.99
N ASP A 11 -1.31 19.41 14.98
CA ASP A 11 -2.73 19.49 14.67
C ASP A 11 -3.12 18.52 13.54
N ILE A 12 -2.35 17.47 13.38
CA ILE A 12 -2.63 16.48 12.34
C ILE A 12 -4.01 15.87 12.56
N GLY A 13 -4.74 15.68 11.48
CA GLY A 13 -6.09 15.14 11.55
C GLY A 13 -6.11 13.70 12.01
N VAL A 14 -7.06 13.37 12.88
CA VAL A 14 -7.26 11.99 13.32
C VAL A 14 -8.74 11.63 13.23
N SER A 15 -9.04 10.56 12.51
CA SER A 15 -10.43 10.11 12.37
C SER A 15 -10.60 8.69 12.89
N SER A 16 -11.74 8.44 13.54
CA SER A 16 -12.06 7.11 14.03
C SER A 16 -12.89 6.35 13.01
N LEU A 17 -12.45 5.13 12.71
CA LEU A 17 -13.17 4.25 11.80
C LEU A 17 -14.55 3.94 12.38
N ASP A 18 -15.58 4.02 11.53
CA ASP A 18 -16.95 3.76 11.98
C ASP A 18 -17.33 2.32 11.69
N SER A 19 -17.39 1.49 12.74
CA SER A 19 -17.57 0.06 12.56
C SER A 19 -18.69 -0.54 13.42
N ARG A 20 -19.36 0.30 14.20
CA ARG A 20 -20.37 -0.16 15.15
C ARG A 20 -21.53 -0.92 14.50
N GLU A 21 -22.11 -0.33 13.47
CA GLU A 21 -23.28 -0.93 12.82
C GLU A 21 -22.95 -2.21 12.08
N ALA A 22 -21.77 -2.25 11.47
CA ALA A 22 -21.32 -3.45 10.77
C ALA A 22 -21.14 -4.61 11.74
N PHE A 23 -20.49 -4.33 12.86
CA PHE A 23 -20.23 -5.33 13.89
C PHE A 23 -21.51 -5.83 14.53
N ARG A 24 -22.49 -4.94 14.65
CA ARG A 24 -23.75 -5.25 15.32
C ARG A 24 -24.58 -6.25 14.50
N LEU A 25 -24.31 -6.32 13.21
CA LEU A 25 -25.07 -7.19 12.31
C LEU A 25 -24.58 -8.64 12.37
N LEU A 26 -23.37 -8.84 12.87
CA LEU A 26 -22.74 -10.16 12.86
C LEU A 26 -23.35 -11.12 13.87
N SER A 27 -23.57 -12.35 13.44
CA SER A 27 -24.02 -13.42 14.33
C SER A 27 -22.89 -13.75 15.31
N PRO A 28 -23.21 -14.43 16.42
CA PRO A 28 -22.16 -14.80 17.39
C PRO A 28 -20.99 -15.56 16.77
N THR A 29 -21.26 -16.48 15.85
CA THR A 29 -20.22 -17.26 15.20
C THR A 29 -19.35 -16.36 14.31
N GLU A 30 -20.00 -15.50 13.54
CA GLU A 30 -19.30 -14.58 12.66
C GLU A 30 -18.42 -13.62 13.45
N ARG A 31 -18.83 -13.30 14.67
CA ARG A 31 -18.06 -12.41 15.53
C ARG A 31 -16.80 -13.10 16.05
N LEU A 32 -16.93 -14.38 16.40
CA LEU A 32 -15.77 -15.17 16.82
C LEU A 32 -14.81 -15.39 15.67
N TYR A 33 -15.36 -15.54 14.47
CA TYR A 33 -14.59 -15.66 13.24
C TYR A 33 -13.79 -14.39 13.00
N ALA A 34 -14.48 -13.25 13.02
CA ALA A 34 -13.85 -11.95 12.81
C ALA A 34 -12.86 -11.60 13.92
N TYR A 35 -13.15 -12.05 15.13
CA TYR A 35 -12.28 -11.81 16.29
C TYR A 35 -10.89 -12.41 16.08
N HIS A 36 -10.84 -13.71 15.82
CA HIS A 36 -9.57 -14.42 15.67
C HIS A 36 -8.80 -13.97 14.43
N LEU A 37 -9.51 -13.69 13.35
CA LEU A 37 -8.88 -13.20 12.12
C LEU A 37 -8.26 -11.83 12.34
N SER A 38 -8.93 -11.00 13.14
CA SER A 38 -8.41 -9.68 13.48
C SER A 38 -7.15 -9.80 14.32
N ARG A 39 -7.16 -10.73 15.27
CA ARG A 39 -5.98 -11.00 16.08
C ARG A 39 -4.82 -11.48 15.21
N ALA A 40 -5.13 -12.31 14.23
CA ALA A 40 -4.13 -12.81 13.28
C ALA A 40 -3.52 -11.67 12.48
N ALA A 41 -4.37 -10.75 12.04
CA ALA A 41 -3.93 -9.62 11.23
C ALA A 41 -3.06 -8.66 12.03
N TRP A 42 -3.51 -8.29 13.22
CA TRP A 42 -2.76 -7.37 14.07
C TRP A 42 -1.40 -7.95 14.47
N TYR A 43 -1.36 -9.25 14.73
CA TYR A 43 -0.10 -9.94 14.98
C TYR A 43 0.87 -9.77 13.81
N GLY A 44 0.38 -10.10 12.62
CA GLY A 44 1.21 -10.03 11.42
C GLY A 44 1.64 -8.63 11.06
N GLY A 45 0.81 -7.65 11.41
CA GLY A 45 1.12 -6.26 11.14
C GLY A 45 2.41 -5.80 11.79
N LEU A 46 2.74 -6.40 12.93
CA LEU A 46 3.96 -6.06 13.66
C LEU A 46 5.21 -6.35 12.85
N ALA A 47 5.12 -7.27 11.91
CA ALA A 47 6.26 -7.63 11.06
C ALA A 47 6.63 -6.49 10.12
N VAL A 48 5.67 -5.61 9.83
CA VAL A 48 5.89 -4.45 8.98
C VAL A 48 6.96 -3.55 9.59
N LEU A 49 7.01 -3.50 10.92
CA LEU A 49 8.06 -2.79 11.64
C LEU A 49 9.43 -3.27 11.20
N LEU A 50 9.57 -4.58 11.07
CA LEU A 50 10.82 -5.20 10.63
C LEU A 50 11.06 -4.92 9.15
N GLN A 51 9.98 -4.72 8.41
CA GLN A 51 10.08 -4.45 6.98
C GLN A 51 10.21 -2.97 6.65
N THR A 52 10.37 -2.14 7.69
CA THR A 52 10.39 -0.70 7.50
C THR A 52 11.77 -0.08 7.71
N SER A 53 12.28 -0.16 8.93
CA SER A 53 13.57 0.44 9.27
C SER A 53 14.23 -0.36 10.39
N PRO A 54 15.56 -0.28 10.52
CA PRO A 54 16.26 -1.03 11.56
C PRO A 54 15.81 -0.67 12.97
N GLU A 55 15.41 0.58 13.17
CA GLU A 55 15.09 1.08 14.51
C GLU A 55 13.60 0.97 14.85
N ALA A 56 12.77 0.76 13.84
CA ALA A 56 11.32 0.70 14.02
C ALA A 56 10.86 -0.34 15.06
N PRO A 57 11.39 -1.57 15.04
CA PRO A 57 10.93 -2.53 16.05
C PRO A 57 11.28 -2.13 17.48
N TYR A 58 12.42 -1.46 17.66
CA TYR A 58 12.81 -0.98 18.99
C TYR A 58 11.90 0.14 19.46
N ILE A 59 11.58 1.06 18.55
CA ILE A 59 10.75 2.21 18.87
C ILE A 59 9.35 1.77 19.29
N TYR A 60 8.80 0.80 18.56
CA TYR A 60 7.50 0.25 18.94
C TYR A 60 7.56 -0.39 20.32
N ALA A 61 8.64 -1.14 20.57
CA ALA A 61 8.83 -1.81 21.86
C ALA A 61 8.91 -0.80 22.99
N LEU A 62 9.60 0.30 22.74
CA LEU A 62 9.79 1.35 23.74
C LEU A 62 8.47 2.07 24.04
N LEU A 63 7.76 2.46 22.99
CA LEU A 63 6.47 3.13 23.12
C LEU A 63 5.46 2.23 23.83
N SER A 64 5.47 0.95 23.45
CA SER A 64 4.55 -0.03 24.04
C SER A 64 4.76 -0.17 25.55
N ARG A 65 6.03 -0.32 25.95
CA ARG A 65 6.37 -0.38 27.37
C ARG A 65 5.92 0.88 28.09
N LEU A 66 6.22 2.03 27.49
CA LEU A 66 5.89 3.32 28.06
C LEU A 66 4.41 3.49 28.35
N PHE A 67 3.58 3.21 27.35
CA PHE A 67 2.14 3.47 27.47
C PHE A 67 1.41 2.32 28.16
N ARG A 68 2.11 1.23 28.43
CA ARG A 68 1.54 0.12 29.19
CA ARG A 68 1.54 0.12 29.18
C ARG A 68 1.57 0.44 30.67
N ALA A 69 2.60 1.16 31.10
CA ALA A 69 2.76 1.55 32.48
C ALA A 69 2.04 2.86 32.77
N GLN A 70 1.99 3.74 31.78
CA GLN A 70 1.34 5.04 31.93
C GLN A 70 0.57 5.44 30.68
N ASP A 71 -0.75 5.54 30.79
CA ASP A 71 -1.58 5.95 29.64
C ASP A 71 -1.27 7.43 29.32
N PRO A 72 -1.72 7.92 28.15
CA PRO A 72 -1.40 9.30 27.74
C PRO A 72 -1.65 10.37 28.79
N ASP A 73 -2.69 10.20 29.62
CA ASP A 73 -3.01 11.19 30.64
C ASP A 73 -2.11 11.02 31.87
N GLN A 74 -1.72 9.79 32.15
CA GLN A 74 -0.79 9.51 33.23
C GLN A 74 0.62 9.98 32.87
N LEU A 75 1.04 9.69 31.64
CA LEU A 75 2.36 10.08 31.17
C LEU A 75 2.49 11.60 31.10
N ARG A 76 1.40 12.28 30.74
CA ARG A 76 1.38 13.74 30.69
C ARG A 76 1.80 14.35 32.01
N GLN A 77 1.25 13.83 33.11
CA GLN A 77 1.56 14.32 34.43
C GLN A 77 3.03 14.15 34.77
N HIS A 78 3.62 13.04 34.30
CA HIS A 78 5.05 12.83 34.45
C HIS A 78 5.85 13.78 33.55
N ALA A 79 5.45 13.84 32.29
CA ALA A 79 6.19 14.62 31.28
C ALA A 79 6.22 16.10 31.58
N LEU A 80 5.10 16.64 32.04
CA LEU A 80 5.01 18.08 32.32
C LEU A 80 5.76 18.43 33.60
N ALA A 81 5.85 17.48 34.52
CA ALA A 81 6.60 17.66 35.75
C ALA A 81 8.10 17.60 35.47
N GLU A 82 8.46 17.09 34.30
CA GLU A 82 9.86 16.95 33.92
C GLU A 82 10.34 18.08 33.02
N GLY A 83 9.46 19.04 32.74
CA GLY A 83 9.86 20.23 32.03
C GLY A 83 9.31 20.37 30.62
N LEU A 84 8.61 19.35 30.14
CA LEU A 84 7.98 19.41 28.82
C LEU A 84 6.77 20.33 28.84
N THR A 85 6.63 21.15 27.80
CA THR A 85 5.42 21.94 27.62
C THR A 85 4.34 21.03 27.06
N GLU A 86 3.09 21.48 27.13
CA GLU A 86 1.99 20.69 26.58
C GLU A 86 2.15 20.52 25.07
N GLU A 87 2.73 21.53 24.43
CA GLU A 87 3.00 21.48 23.00
C GLU A 87 4.03 20.41 22.67
N GLU A 88 5.05 20.30 23.51
CA GLU A 88 6.10 19.30 23.31
C GLU A 88 5.60 17.89 23.59
N TYR A 89 4.73 17.75 24.59
CA TYR A 89 4.16 16.45 24.90
C TYR A 89 3.22 16.00 23.80
N GLN A 90 2.45 16.94 23.26
CA GLN A 90 1.55 16.65 22.15
C GLN A 90 2.31 16.17 20.93
N ALA A 91 3.49 16.75 20.70
CA ALA A 91 4.34 16.34 19.59
C ALA A 91 4.77 14.89 19.75
N PHE A 92 5.04 14.48 20.98
CA PHE A 92 5.42 13.10 21.25
C PHE A 92 4.24 12.16 21.07
N LEU A 93 3.06 12.59 21.53
CA LEU A 93 1.84 11.81 21.35
C LEU A 93 1.57 11.59 19.87
N VAL A 94 1.72 12.65 19.08
CA VAL A 94 1.48 12.57 17.65
C VAL A 94 2.52 11.68 16.97
N TYR A 95 3.76 11.75 17.42
CA TYR A 95 4.81 10.90 16.89
C TYR A 95 4.52 9.43 17.14
N ALA A 96 4.13 9.11 18.38
CA ALA A 96 3.83 7.74 18.77
C ALA A 96 2.65 7.21 17.95
N ALA A 97 1.63 8.03 17.79
CA ALA A 97 0.48 7.66 16.97
C ALA A 97 0.90 7.43 15.53
N GLY A 98 1.86 8.22 15.07
CA GLY A 98 2.38 8.06 13.73
C GLY A 98 3.06 6.72 13.53
N VAL A 99 3.94 6.37 14.47
CA VAL A 99 4.65 5.10 14.41
C VAL A 99 3.67 3.92 14.43
N TYR A 100 2.66 4.01 15.30
CA TYR A 100 1.64 2.98 15.39
C TYR A 100 0.86 2.82 14.09
N SER A 101 0.39 3.93 13.55
CA SER A 101 -0.47 3.92 12.37
C SER A 101 0.28 3.53 11.10
N ASN A 102 1.60 3.71 11.11
CA ASN A 102 2.42 3.35 9.96
C ASN A 102 3.18 2.05 10.17
N MET A 103 3.16 1.54 11.40
CA MET A 103 3.99 0.42 11.80
C MET A 103 5.44 0.72 11.42
N GLY A 104 5.91 1.90 11.81
CA GLY A 104 7.27 2.32 11.50
C GLY A 104 7.42 3.83 11.57
N ASN A 105 8.67 4.29 11.62
CA ASN A 105 8.94 5.72 11.67
C ASN A 105 9.16 6.32 10.27
N TYR A 106 8.54 5.68 9.29
CA TYR A 106 8.50 6.21 7.93
C TYR A 106 7.06 6.20 7.44
N LYS A 107 6.66 7.23 6.70
CA LYS A 107 5.30 7.30 6.15
C LYS A 107 5.07 6.22 5.12
N SER A 108 3.95 5.50 5.24
CA SER A 108 3.57 4.50 4.25
C SER A 108 3.20 5.19 2.95
N PHE A 109 2.72 6.43 3.05
CA PHE A 109 2.38 7.21 1.87
C PHE A 109 3.42 8.32 1.66
N GLY A 110 4.52 7.97 1.01
CA GLY A 110 5.58 8.93 0.75
C GLY A 110 6.97 8.40 1.09
N ASP A 111 7.02 7.35 1.89
CA ASP A 111 8.26 6.70 2.30
C ASP A 111 9.30 7.68 2.84
N THR A 112 8.82 8.66 3.61
CA THR A 112 9.71 9.63 4.24
C THR A 112 9.76 9.42 5.74
N LYS A 113 10.94 9.62 6.32
CA LYS A 113 11.11 9.50 7.76
C LYS A 113 10.40 10.64 8.49
N PHE A 114 9.83 10.35 9.65
CA PHE A 114 9.34 11.41 10.51
C PHE A 114 9.92 11.23 11.92
N VAL A 115 10.25 12.35 12.55
CA VAL A 115 10.91 12.35 13.85
C VAL A 115 10.05 13.11 14.87
N PRO A 116 10.28 12.87 16.18
CA PRO A 116 9.51 13.61 17.18
C PRO A 116 9.82 15.10 17.17
N ASN A 117 8.78 15.92 17.16
CA ASN A 117 8.95 17.38 17.09
C ASN A 117 9.20 18.00 18.46
N LEU A 118 10.27 17.56 19.12
CA LEU A 118 10.64 18.08 20.43
C LEU A 118 12.10 17.76 20.72
N PRO A 119 12.73 18.49 21.66
CA PRO A 119 14.13 18.22 22.00
C PRO A 119 14.36 16.79 22.47
N LYS A 120 15.41 16.16 21.95
CA LYS A 120 15.73 14.77 22.27
C LYS A 120 16.06 14.59 23.75
N GLU A 121 16.77 15.56 24.32
CA GLU A 121 17.20 15.47 25.71
C GLU A 121 16.01 15.57 26.68
N LYS A 122 14.98 16.30 26.28
CA LYS A 122 13.79 16.43 27.11
C LYS A 122 12.97 15.15 27.07
N LEU A 123 12.90 14.53 25.90
CA LEU A 123 12.22 13.25 25.76
C LEU A 123 12.95 12.16 26.54
N GLU A 124 14.27 12.30 26.66
CA GLU A 124 15.08 11.34 27.40
C GLU A 124 14.71 11.33 28.88
N ARG A 125 14.49 12.52 29.45
CA ARG A 125 14.12 12.64 30.85
C ARG A 125 12.78 11.94 31.13
N VAL A 126 11.85 12.07 30.19
CA VAL A 126 10.54 11.45 30.33
C VAL A 126 10.63 9.93 30.30
N ILE A 127 11.36 9.41 29.33
CA ILE A 127 11.49 7.97 29.13
C ILE A 127 12.27 7.30 30.26
N LEU A 128 13.41 7.89 30.63
CA LEU A 128 14.26 7.32 31.67
C LEU A 128 13.65 7.47 33.06
N GLY A 129 12.74 8.43 33.21
CA GLY A 129 12.09 8.67 34.48
C GLY A 129 10.70 8.08 34.53
N SER A 130 10.31 7.40 33.46
CA SER A 130 8.97 6.84 33.34
C SER A 130 8.74 5.67 34.28
N GLU A 131 7.46 5.31 34.47
CA GLU A 131 7.09 4.18 35.30
C GLU A 131 7.59 2.88 34.69
N ALA A 132 7.60 2.84 33.35
CA ALA A 132 8.14 1.69 32.63
C ALA A 132 9.61 1.53 32.94
N ALA A 133 10.31 2.65 33.11
CA ALA A 133 11.74 2.64 33.41
C ALA A 133 11.99 2.17 34.84
N GLN A 134 11.11 2.56 35.76
CA GLN A 134 11.28 2.16 37.15
C GLN A 134 11.06 0.67 37.35
N GLN A 135 10.20 0.09 36.52
CA GLN A 135 9.86 -1.32 36.61
C GLN A 135 10.84 -2.21 35.85
N HIS A 136 11.33 -1.71 34.72
CA HIS A 136 12.32 -2.45 33.92
C HIS A 136 13.42 -1.53 33.40
N PRO A 137 14.31 -1.07 34.28
CA PRO A 137 15.35 -0.09 33.92
C PRO A 137 16.32 -0.60 32.84
N GLU A 138 16.68 -1.89 32.88
CA GLU A 138 17.59 -2.44 31.89
C GLU A 138 16.97 -2.41 30.50
N GLU A 139 15.72 -2.86 30.40
CA GLU A 139 15.03 -2.90 29.12
C GLU A 139 14.83 -1.51 28.51
N VAL A 140 14.36 -0.56 29.32
CA VAL A 140 14.06 0.78 28.83
C VAL A 140 15.32 1.56 28.46
N ARG A 141 16.32 1.54 29.32
CA ARG A 141 17.58 2.22 29.04
C ARG A 141 18.27 1.56 27.85
N GLY A 142 18.14 0.23 27.74
CA GLY A 142 18.70 -0.50 26.64
C GLY A 142 18.04 -0.12 25.33
N LEU A 143 16.71 -0.05 25.34
CA LEU A 143 15.94 0.35 24.17
C LEU A 143 16.27 1.78 23.74
N TRP A 144 16.34 2.69 24.71
CA TRP A 144 16.62 4.09 24.43
C TRP A 144 18.03 4.28 23.89
N GLN A 145 18.97 3.52 24.45
CA GLN A 145 20.36 3.55 24.00
C GLN A 145 20.46 3.11 22.55
N THR A 146 19.63 2.15 22.18
CA THR A 146 19.70 1.52 20.86
C THR A 146 19.02 2.34 19.75
N CYS A 147 17.85 2.89 20.04
CA CYS A 147 17.05 3.53 19.00
C CYS A 147 16.88 5.04 19.18
N GLY A 148 17.46 5.58 20.23
CA GLY A 148 17.31 7.00 20.54
C GLY A 148 17.84 7.94 19.48
N GLU A 149 19.05 7.66 19.01
CA GLU A 149 19.67 8.51 18.00
C GLU A 149 18.96 8.41 16.65
N LEU A 150 18.66 7.19 16.24
CA LEU A 150 17.99 6.95 14.97
C LEU A 150 16.56 7.48 14.97
N MET A 151 15.98 7.61 16.16
CA MET A 151 14.64 8.16 16.30
C MET A 151 14.60 9.61 15.82
N PHE A 152 15.69 10.34 16.04
CA PHE A 152 15.73 11.78 15.76
C PHE A 152 16.58 12.14 14.54
N SER A 153 17.51 11.26 14.17
CA SER A 153 18.49 11.59 13.14
C SER A 153 17.88 11.84 11.77
N LEU A 154 18.18 13.00 11.21
CA LEU A 154 17.72 13.36 9.87
C LEU A 154 18.90 13.49 8.91
N GLU A 155 19.92 12.66 9.10
CA GLU A 155 21.01 12.55 8.14
C GLU A 155 20.44 12.19 6.78
N PRO A 156 20.92 12.85 5.72
CA PRO A 156 20.37 12.77 4.36
C PRO A 156 20.06 11.36 3.88
N ARG A 157 20.91 10.40 4.21
CA ARG A 157 20.74 9.02 3.76
C ARG A 157 19.63 8.29 4.52
N LEU A 158 19.12 8.92 5.57
CA LEU A 158 18.08 8.31 6.39
C LEU A 158 16.69 8.87 6.10
N ARG A 159 16.63 9.92 5.29
CA ARG A 159 15.40 10.66 5.08
C ARG A 159 14.38 9.93 4.20
N HIS A 160 14.85 9.10 3.28
CA HIS A 160 13.96 8.40 2.37
C HIS A 160 14.22 6.90 2.34
N LEU A 161 13.18 6.12 2.09
CA LEU A 161 13.33 4.69 1.87
C LEU A 161 13.95 4.45 0.50
N GLY A 162 14.82 3.45 0.39
CA GLY A 162 15.41 3.13 -0.90
C GLY A 162 16.66 2.27 -0.81
N LEU A 163 17.00 1.65 -1.93
CA LEU A 163 18.23 0.88 -2.04
C LEU A 163 19.43 1.81 -2.15
N GLY A 164 20.63 1.24 -2.13
CA GLY A 164 21.85 2.02 -2.27
C GLY A 164 22.23 2.74 -0.98
N LYS A 165 23.25 3.58 -1.06
CA LYS A 165 23.83 4.23 0.11
C LYS A 165 23.04 5.44 0.60
N GLU A 166 22.16 5.98 -0.24
CA GLU A 166 21.46 7.21 0.09
C GLU A 166 20.01 6.99 0.54
N GLY A 167 19.68 5.74 0.88
CA GLY A 167 18.35 5.42 1.34
C GLY A 167 18.34 4.28 2.35
N ILE A 168 17.24 4.17 3.09
CA ILE A 168 17.09 3.11 4.07
C ILE A 168 16.10 2.04 3.61
N THR A 169 16.50 0.78 3.68
CA THR A 169 15.57 -0.32 3.44
C THR A 169 15.95 -1.51 4.31
N THR A 170 14.95 -2.28 4.71
CA THR A 170 15.21 -3.51 5.46
C THR A 170 14.69 -4.71 4.69
N TYR A 171 14.21 -4.47 3.48
CA TYR A 171 13.96 -5.55 2.53
C TYR A 171 15.29 -6.11 2.08
N PHE A 172 16.31 -5.26 2.16
CA PHE A 172 17.67 -5.63 1.79
C PHE A 172 18.62 -5.25 2.92
N SER A 173 19.81 -5.86 2.93
CA SER A 173 20.86 -5.41 3.82
C SER A 173 21.35 -4.06 3.34
N GLY A 174 21.92 -3.27 4.24
CA GLY A 174 22.33 -1.92 3.93
C GLY A 174 23.26 -1.74 2.74
N ASN A 175 24.06 -2.77 2.46
CA ASN A 175 25.05 -2.70 1.39
C ASN A 175 24.51 -3.09 0.01
N CYS A 176 23.22 -3.44 -0.05
CA CYS A 176 22.61 -3.86 -1.30
C CYS A 176 22.28 -2.68 -2.21
N THR A 177 22.48 -2.86 -3.51
CA THR A 177 22.12 -1.86 -4.49
C THR A 177 21.11 -2.45 -5.48
N MET A 178 20.70 -1.65 -6.45
CA MET A 178 19.73 -2.09 -7.45
C MET A 178 20.29 -3.24 -8.29
N GLU A 179 21.62 -3.25 -8.43
CA GLU A 179 22.30 -4.33 -9.14
C GLU A 179 22.08 -5.66 -8.42
N ASP A 180 22.20 -5.63 -7.09
CA ASP A 180 22.01 -6.82 -6.27
C ASP A 180 20.58 -7.34 -6.35
N ALA A 181 19.61 -6.41 -6.39
CA ALA A 181 18.21 -6.78 -6.46
C ALA A 181 17.89 -7.41 -7.81
N LYS A 182 18.42 -6.82 -8.88
CA LYS A 182 18.23 -7.35 -10.22
C LYS A 182 18.80 -8.77 -10.33
N LEU A 183 19.99 -8.96 -9.76
CA LEU A 183 20.63 -10.27 -9.76
C LEU A 183 19.80 -11.29 -8.98
N ALA A 184 19.31 -10.88 -7.81
CA ALA A 184 18.50 -11.74 -6.97
C ALA A 184 17.20 -12.13 -7.66
N GLN A 185 16.61 -11.17 -8.36
CA GLN A 185 15.35 -11.40 -9.06
C GLN A 185 15.52 -12.41 -10.18
N ASP A 186 16.61 -12.29 -10.92
CA ASP A 186 16.93 -13.24 -11.98
C ASP A 186 17.09 -14.64 -11.41
N PHE A 187 17.71 -14.73 -10.24
CA PHE A 187 17.86 -16.00 -9.55
C PHE A 187 16.51 -16.56 -9.13
N LEU A 188 15.68 -15.72 -8.54
CA LEU A 188 14.35 -16.11 -8.09
C LEU A 188 13.50 -16.64 -9.24
N ASP A 189 13.55 -15.95 -10.37
CA ASP A 189 12.80 -16.36 -11.55
C ASP A 189 13.31 -17.67 -12.11
N SER A 190 14.63 -17.88 -12.02
CA SER A 190 15.25 -19.09 -12.55
C SER A 190 14.88 -20.32 -11.71
N GLN A 191 14.46 -20.07 -10.47
CA GLN A 191 14.07 -21.14 -9.56
C GLN A 191 12.56 -21.20 -9.38
N ASN A 192 11.84 -20.38 -10.14
CA ASN A 192 10.39 -20.26 -10.03
C ASN A 192 9.95 -19.98 -8.59
N LEU A 193 10.70 -19.13 -7.92
CA LEU A 193 10.44 -18.79 -6.52
C LEU A 193 9.95 -17.35 -6.39
N SER A 194 8.78 -17.18 -5.77
CA SER A 194 8.19 -15.85 -5.61
C SER A 194 8.98 -14.99 -4.63
N ALA A 195 9.04 -13.70 -4.90
CA ALA A 195 9.78 -12.76 -4.06
C ALA A 195 8.93 -12.19 -2.94
N TYR A 196 7.62 -12.38 -3.05
CA TYR A 196 6.63 -11.79 -2.15
C TYR A 196 6.98 -11.90 -0.67
N ASN A 197 7.23 -13.12 -0.20
CA ASN A 197 7.51 -13.35 1.22
C ASN A 197 9.00 -13.47 1.53
N THR A 198 9.83 -12.76 0.77
CA THR A 198 11.28 -12.91 0.90
C THR A 198 12.01 -11.60 1.16
N ARG A 199 13.20 -11.72 1.74
CA ARG A 199 14.13 -10.60 1.88
C ARG A 199 15.51 -11.04 1.39
N LEU A 200 16.35 -10.08 1.03
CA LEU A 200 17.68 -10.39 0.49
C LEU A 200 18.80 -9.77 1.33
N PHE A 201 19.72 -10.60 1.78
CA PHE A 201 20.84 -10.12 2.58
C PHE A 201 22.18 -10.46 1.93
N LYS A 202 23.06 -9.48 1.84
CA LYS A 202 24.38 -9.69 1.26
C LYS A 202 25.48 -9.56 2.31
N GLU A 203 26.21 -10.64 2.54
CA GLU A 203 27.34 -10.61 3.45
C GLU A 203 28.62 -11.02 2.73
N VAL A 204 29.73 -10.37 3.07
CA VAL A 204 31.01 -10.66 2.44
C VAL A 204 31.94 -11.40 3.40
N ASP A 205 32.84 -12.21 2.84
CA ASP A 205 33.81 -12.93 3.65
C ASP A 205 35.07 -12.11 3.87
N GLY A 206 36.14 -12.77 4.30
CA GLY A 206 37.40 -12.10 4.53
C GLY A 206 38.07 -11.65 3.24
N CYS A 207 37.59 -12.17 2.13
CA CYS A 207 38.14 -11.83 0.82
C CYS A 207 37.26 -10.84 0.08
N GLY A 208 36.17 -10.44 0.70
CA GLY A 208 35.28 -9.45 0.13
C GLY A 208 34.34 -10.00 -0.93
N LYS A 209 34.32 -11.32 -1.08
CA LYS A 209 33.39 -11.95 -2.02
C LYS A 209 32.01 -12.04 -1.38
N PRO A 210 31.01 -11.40 -2.01
CA PRO A 210 29.65 -11.33 -1.46
C PRO A 210 28.91 -12.67 -1.52
N TYR A 211 28.24 -13.01 -0.42
CA TYR A 211 27.35 -14.16 -0.38
C TYR A 211 25.92 -13.67 -0.17
N TYR A 212 24.99 -14.20 -0.96
CA TYR A 212 23.61 -13.75 -0.91
C TYR A 212 22.70 -14.70 -0.16
N GLU A 213 21.88 -14.16 0.73
CA GLU A 213 20.88 -14.94 1.44
C GLU A 213 19.47 -14.52 1.05
N VAL A 214 18.73 -15.44 0.44
CA VAL A 214 17.32 -15.23 0.18
C VAL A 214 16.53 -15.87 1.31
N ARG A 215 15.97 -15.04 2.19
CA ARG A 215 15.29 -15.54 3.38
C ARG A 215 13.77 -15.47 3.25
N LEU A 216 13.12 -16.62 3.38
CA LEU A 216 11.67 -16.70 3.27
C LEU A 216 11.02 -16.51 4.63
N ALA A 217 9.80 -15.99 4.64
CA ALA A 217 9.07 -15.77 5.87
C ALA A 217 8.30 -17.02 6.27
N SER A 218 8.59 -17.55 7.46
CA SER A 218 7.93 -18.76 7.94
C SER A 218 8.11 -18.96 9.44
N VAL A 219 7.25 -19.81 10.01
CA VAL A 219 7.39 -20.23 11.39
C VAL A 219 8.57 -21.19 11.54
N LEU A 220 8.67 -22.12 10.60
CA LEU A 220 9.70 -23.15 10.63
C LEU A 220 11.05 -22.64 10.14
N GLY A 221 12.11 -23.15 10.75
CA GLY A 221 13.46 -22.75 10.40
C GLY A 221 14.15 -23.77 9.52
N SER A 222 15.41 -24.05 9.84
CA SER A 222 16.22 -24.96 9.04
C SER A 222 15.91 -26.42 9.34
N GLU A 223 15.23 -26.66 10.45
CA GLU A 223 14.86 -28.03 10.84
C GLU A 223 13.97 -28.68 9.79
N PRO A 224 14.08 -30.01 9.65
CA PRO A 224 13.25 -30.73 8.68
C PRO A 224 11.78 -30.68 9.02
N SER A 225 10.92 -30.55 8.01
CA SER A 225 9.49 -30.50 8.23
C SER A 225 8.76 -31.44 7.27
N LEU A 226 7.44 -31.55 7.46
CA LEU A 226 6.62 -32.46 6.67
C LEU A 226 6.58 -32.03 5.21
N ASP A 227 6.63 -30.72 4.97
CA ASP A 227 6.64 -30.18 3.62
C ASP A 227 7.95 -30.53 2.91
N SER A 228 7.88 -30.66 1.59
CA SER A 228 9.07 -30.97 0.81
C SER A 228 9.31 -29.95 -0.31
N GLU A 229 8.25 -29.27 -0.73
CA GLU A 229 8.37 -28.34 -1.86
C GLU A 229 9.22 -27.12 -1.51
N VAL A 230 9.25 -26.75 -0.23
CA VAL A 230 10.05 -25.61 0.22
C VAL A 230 11.39 -26.07 0.79
N THR A 231 11.36 -27.11 1.62
CA THR A 231 12.57 -27.61 2.26
C THR A 231 13.60 -28.10 1.25
N SER A 232 13.14 -28.53 0.08
CA SER A 232 14.04 -28.95 -0.98
C SER A 232 14.78 -27.75 -1.57
N LYS A 233 14.20 -26.57 -1.41
CA LYS A 233 14.81 -25.34 -1.91
C LYS A 233 15.80 -24.78 -0.91
N LEU A 234 15.70 -25.23 0.34
CA LEU A 234 16.57 -24.74 1.40
C LEU A 234 17.98 -25.30 1.23
N LYS A 235 18.77 -24.65 0.38
CA LYS A 235 20.13 -25.10 0.09
C LYS A 235 20.96 -23.99 -0.54
N SER A 236 22.21 -24.30 -0.88
CA SER A 236 23.08 -23.35 -1.55
C SER A 236 22.97 -23.48 -3.06
N TYR A 237 23.16 -22.38 -3.76
CA TYR A 237 23.11 -22.37 -5.22
C TYR A 237 24.30 -21.60 -5.79
N GLU A 238 24.54 -21.78 -7.08
CA GLU A 238 25.50 -20.94 -7.81
C GLU A 238 24.80 -20.28 -8.97
N PHE A 239 24.79 -18.96 -9.00
CA PHE A 239 24.09 -18.21 -10.04
C PHE A 239 24.96 -17.10 -10.61
N ARG A 240 25.46 -17.33 -11.83
CA ARG A 240 26.30 -16.37 -12.53
C ARG A 240 27.51 -15.98 -11.69
N GLY A 241 28.13 -16.97 -11.05
CA GLY A 241 29.33 -16.75 -10.26
C GLY A 241 29.05 -16.40 -8.80
N SER A 242 27.81 -16.05 -8.50
CA SER A 242 27.45 -15.62 -7.15
C SER A 242 26.84 -16.76 -6.34
N PRO A 243 27.28 -16.90 -5.08
CA PRO A 243 26.70 -17.87 -4.15
C PRO A 243 25.32 -17.42 -3.66
N PHE A 244 24.33 -18.29 -3.74
CA PHE A 244 22.98 -17.99 -3.27
C PHE A 244 22.49 -19.06 -2.32
N GLN A 245 21.98 -18.64 -1.16
CA GLN A 245 21.43 -19.56 -0.18
C GLN A 245 19.98 -19.20 0.14
N VAL A 246 19.09 -20.16 -0.06
CA VAL A 246 17.68 -19.95 0.27
C VAL A 246 17.39 -20.47 1.68
N THR A 247 16.94 -19.56 2.54
CA THR A 247 16.62 -19.91 3.92
C THR A 247 15.18 -19.56 4.23
N ARG A 248 14.76 -19.85 5.47
CA ARG A 248 13.45 -19.44 5.94
C ARG A 248 13.51 -19.16 7.44
N GLY A 249 12.35 -18.85 8.03
CA GLY A 249 12.29 -18.59 9.45
C GLY A 249 12.15 -17.11 9.77
N ASP A 250 11.95 -16.29 8.74
CA ASP A 250 11.80 -14.85 8.91
C ASP A 250 10.50 -14.55 9.67
N TYR A 251 10.61 -13.69 10.68
CA TYR A 251 9.49 -13.32 11.56
C TYR A 251 8.81 -14.53 12.19
N ALA A 252 9.58 -15.58 12.49
CA ALA A 252 9.01 -16.86 12.93
C ALA A 252 8.08 -16.78 14.15
N PRO A 253 8.53 -16.16 15.26
CA PRO A 253 7.60 -16.18 16.41
C PRO A 253 6.39 -15.27 16.23
N ILE A 254 6.47 -14.32 15.30
CA ILE A 254 5.33 -13.47 14.97
C ILE A 254 4.31 -14.25 14.16
N LEU A 255 4.80 -14.94 13.13
CA LEU A 255 3.94 -15.74 12.26
C LEU A 255 3.37 -16.94 13.02
N GLN A 256 4.07 -17.34 14.08
CA GLN A 256 3.56 -18.39 14.96
C GLN A 256 2.29 -17.93 15.66
N LYS A 257 2.30 -16.68 16.11
CA LYS A 257 1.12 -16.07 16.71
C LYS A 257 -0.01 -15.99 15.68
N VAL A 258 0.36 -15.70 14.44
CA VAL A 258 -0.60 -15.55 13.36
C VAL A 258 -1.36 -16.84 13.09
N VAL A 259 -0.64 -17.94 12.90
CA VAL A 259 -1.26 -19.21 12.56
C VAL A 259 -2.09 -19.78 13.72
N GLU A 260 -1.71 -19.41 14.95
CA GLU A 260 -2.49 -19.79 16.12
C GLU A 260 -3.90 -19.23 16.03
N GLN A 261 -4.00 -17.97 15.59
CA GLN A 261 -5.28 -17.29 15.48
C GLN A 261 -6.02 -17.68 14.22
N LEU A 262 -5.29 -18.08 13.19
CA LEU A 262 -5.91 -18.59 11.97
C LEU A 262 -6.58 -19.93 12.25
N GLU A 263 -5.87 -20.79 12.98
CA GLU A 263 -6.41 -22.09 13.38
C GLU A 263 -7.70 -21.94 14.18
N LYS A 264 -7.68 -21.03 15.15
CA LYS A 264 -8.86 -20.78 15.98
C LYS A 264 -10.01 -20.22 15.17
N ALA A 265 -9.70 -19.45 14.14
CA ALA A 265 -10.71 -18.89 13.27
C ALA A 265 -11.38 -19.97 12.43
N LYS A 266 -10.61 -20.99 12.08
CA LYS A 266 -11.09 -22.07 11.23
C LYS A 266 -12.20 -22.88 11.92
N ALA A 267 -12.25 -22.78 13.24
CA ALA A 267 -13.31 -23.44 14.01
C ALA A 267 -14.66 -22.76 13.80
N TYR A 268 -14.61 -21.51 13.31
CA TYR A 268 -15.82 -20.72 13.12
C TYR A 268 -16.06 -20.38 11.66
N ALA A 269 -15.38 -21.08 10.76
CA ALA A 269 -15.54 -20.86 9.33
C ALA A 269 -16.98 -21.11 8.90
N ALA A 270 -17.47 -20.30 7.98
CA ALA A 270 -18.86 -20.38 7.53
C ALA A 270 -19.05 -21.50 6.52
N ASN A 271 -18.00 -21.81 5.76
CA ASN A 271 -18.08 -22.85 4.74
C ASN A 271 -16.73 -23.50 4.46
N SER A 272 -16.75 -24.56 3.65
CA SER A 272 -15.55 -25.34 3.35
C SER A 272 -14.50 -24.52 2.60
N HIS A 273 -14.95 -23.54 1.82
CA HIS A 273 -14.02 -22.66 1.11
C HIS A 273 -13.19 -21.82 2.09
N GLN A 274 -13.84 -21.35 3.15
CA GLN A 274 -13.16 -20.58 4.17
C GLN A 274 -12.23 -21.46 5.00
N GLY A 275 -12.68 -22.69 5.28
CA GLY A 275 -11.87 -23.62 6.03
C GLY A 275 -10.62 -24.04 5.28
N GLN A 276 -10.77 -24.27 3.97
CA GLN A 276 -9.66 -24.71 3.15
C GLN A 276 -8.65 -23.59 2.88
N MET A 277 -9.15 -22.37 2.71
CA MET A 277 -8.27 -21.24 2.44
C MET A 277 -7.43 -20.90 3.67
N LEU A 278 -8.01 -21.12 4.85
CA LEU A 278 -7.31 -20.83 6.09
C LEU A 278 -6.21 -21.85 6.34
N ALA A 279 -6.50 -23.11 6.05
CA ALA A 279 -5.53 -24.19 6.19
C ALA A 279 -4.34 -23.97 5.26
N GLN A 280 -4.61 -23.41 4.08
CA GLN A 280 -3.55 -23.15 3.11
C GLN A 280 -2.70 -21.95 3.51
N TYR A 281 -3.35 -20.93 4.09
CA TYR A 281 -2.63 -19.78 4.62
C TYR A 281 -1.72 -20.21 5.75
N ILE A 282 -2.24 -21.10 6.60
CA ILE A 282 -1.48 -21.66 7.70
C ILE A 282 -0.27 -22.42 7.19
N GLU A 283 -0.47 -23.19 6.11
CA GLU A 283 0.63 -23.89 5.45
C GLU A 283 1.64 -22.89 4.88
N SER A 284 1.14 -21.81 4.29
CA SER A 284 1.99 -20.79 3.69
C SER A 284 2.88 -20.11 4.71
N PHE A 285 2.30 -19.75 5.84
CA PHE A 285 3.02 -19.00 6.87
C PHE A 285 3.91 -19.91 7.72
N THR A 286 3.56 -21.19 7.80
CA THR A 286 4.34 -22.15 8.57
C THR A 286 5.56 -22.63 7.78
N GLN A 287 5.34 -22.94 6.50
CA GLN A 287 6.39 -23.54 5.68
C GLN A 287 7.18 -22.48 4.91
N GLY A 288 6.52 -21.39 4.53
CA GLY A 288 7.15 -20.36 3.74
C GLY A 288 6.83 -20.52 2.27
N SER A 289 5.69 -21.14 1.99
CA SER A 289 5.28 -21.46 0.63
C SER A 289 4.29 -20.45 0.05
N ILE A 290 4.69 -19.78 -1.03
CA ILE A 290 3.79 -18.87 -1.74
C ILE A 290 2.79 -19.68 -2.55
N GLU A 291 3.23 -20.82 -3.06
CA GLU A 291 2.34 -21.76 -3.76
C GLU A 291 1.18 -22.14 -2.86
N ALA A 292 1.46 -22.34 -1.58
CA ALA A 292 0.43 -22.62 -0.59
C ALA A 292 -0.51 -21.42 -0.44
N HIS A 293 0.05 -20.22 -0.45
CA HIS A 293 -0.74 -19.01 -0.32
C HIS A 293 -1.60 -18.79 -1.57
N LYS A 294 -1.08 -19.18 -2.71
CA LYS A 294 -1.84 -19.09 -3.96
C LYS A 294 -3.00 -20.07 -3.95
N ARG A 295 -2.78 -21.25 -3.39
CA ARG A 295 -3.84 -22.24 -3.24
C ARG A 295 -4.94 -21.69 -2.32
N GLY A 296 -4.53 -21.02 -1.25
CA GLY A 296 -5.47 -20.39 -0.34
C GLY A 296 -6.24 -19.29 -1.01
N SER A 297 -5.54 -18.51 -1.84
CA SER A 297 -6.16 -17.41 -2.56
C SER A 297 -7.21 -17.92 -3.54
N ARG A 298 -6.97 -19.08 -4.13
CA ARG A 298 -7.91 -19.68 -5.06
C ARG A 298 -9.20 -20.07 -4.35
N PHE A 299 -9.07 -20.67 -3.17
CA PHE A 299 -10.22 -21.01 -2.36
C PHE A 299 -10.98 -19.76 -1.92
N TRP A 300 -10.23 -18.68 -1.68
CA TRP A 300 -10.81 -17.42 -1.24
C TRP A 300 -11.65 -16.77 -2.33
N ILE A 301 -11.17 -16.86 -3.57
CA ILE A 301 -11.90 -16.32 -4.71
C ILE A 301 -13.25 -17.03 -4.89
N GLN A 302 -13.26 -18.32 -4.58
CA GLN A 302 -14.46 -19.14 -4.73
C GLN A 302 -15.46 -18.93 -3.59
N ASP A 303 -15.02 -18.26 -2.53
CA ASP A 303 -15.92 -17.89 -1.44
C ASP A 303 -16.63 -16.59 -1.78
N LYS A 304 -17.77 -16.71 -2.47
CA LYS A 304 -18.46 -15.54 -3.00
C LYS A 304 -19.47 -14.95 -2.03
N GLY A 305 -19.42 -13.64 -1.86
CA GLY A 305 -20.32 -12.91 -0.98
C GLY A 305 -20.38 -13.40 0.46
N PRO A 306 -19.23 -13.45 1.16
CA PRO A 306 -19.28 -13.85 2.57
C PRO A 306 -19.68 -12.68 3.45
N ILE A 307 -20.26 -12.96 4.61
CA ILE A 307 -20.63 -11.90 5.54
C ILE A 307 -19.38 -11.24 6.11
N VAL A 308 -18.42 -12.07 6.53
CA VAL A 308 -17.14 -11.57 7.00
C VAL A 308 -16.04 -11.86 5.98
N GLU A 309 -15.60 -10.82 5.28
CA GLU A 309 -14.56 -10.96 4.26
C GLU A 309 -13.18 -10.66 4.85
N SER A 310 -12.17 -11.38 4.37
CA SER A 310 -10.82 -11.22 4.88
C SER A 310 -9.75 -11.65 3.88
N TYR A 311 -8.55 -11.11 4.05
CA TYR A 311 -7.38 -11.50 3.28
C TYR A 311 -6.13 -11.15 4.08
N ILE A 312 -5.07 -11.93 3.92
CA ILE A 312 -3.90 -11.76 4.77
C ILE A 312 -2.64 -12.37 4.12
N GLY A 313 -1.50 -11.71 4.33
CA GLY A 313 -0.24 -12.19 3.81
C GLY A 313 0.66 -11.08 3.31
N PHE A 314 1.69 -11.44 2.56
CA PHE A 314 2.59 -10.47 1.95
C PHE A 314 2.08 -10.12 0.55
N ILE A 315 1.17 -9.16 0.50
CA ILE A 315 0.36 -8.95 -0.70
C ILE A 315 0.93 -7.91 -1.67
N GLU A 316 1.02 -6.67 -1.23
CA GLU A 316 1.39 -5.57 -2.12
C GLU A 316 2.88 -5.31 -2.13
N SER A 317 3.40 -4.91 -3.29
CA SER A 317 4.83 -4.67 -3.46
C SER A 317 5.14 -3.21 -3.75
N TYR A 318 4.46 -2.31 -3.04
CA TYR A 318 4.68 -0.88 -3.22
C TYR A 318 5.95 -0.39 -2.54
N ARG A 319 6.26 -0.99 -1.39
CA ARG A 319 7.30 -0.46 -0.52
C ARG A 319 8.69 -1.04 -0.81
N ASP A 320 8.73 -2.21 -1.44
CA ASP A 320 9.99 -2.79 -1.86
C ASP A 320 10.60 -1.94 -2.97
N PRO A 321 11.76 -1.32 -2.70
CA PRO A 321 12.45 -0.43 -3.66
C PRO A 321 12.62 -1.06 -5.04
N PHE A 322 12.80 -2.38 -5.10
CA PHE A 322 12.88 -3.07 -6.38
C PHE A 322 11.49 -3.36 -6.94
N GLY A 323 10.53 -3.57 -6.06
CA GLY A 323 9.13 -3.69 -6.44
C GLY A 323 8.57 -5.10 -6.62
N SER A 324 9.19 -6.08 -5.98
CA SER A 324 8.73 -7.46 -6.12
C SER A 324 8.35 -8.09 -4.79
N ARG A 325 8.97 -7.60 -3.71
CA ARG A 325 8.71 -8.14 -2.38
C ARG A 325 7.46 -7.53 -1.75
N GLY A 326 6.74 -8.34 -0.98
CA GLY A 326 5.47 -7.92 -0.41
C GLY A 326 5.57 -7.47 1.04
N GLU A 327 4.76 -6.48 1.39
CA GLU A 327 4.63 -6.03 2.77
C GLU A 327 3.47 -6.76 3.42
N PHE A 328 3.62 -7.17 4.67
CA PHE A 328 2.55 -7.91 5.32
C PHE A 328 1.37 -7.01 5.57
N GLU A 329 0.18 -7.54 5.30
CA GLU A 329 -1.06 -6.86 5.60
C GLU A 329 -2.12 -7.90 5.87
N GLY A 330 -3.19 -7.49 6.53
CA GLY A 330 -4.31 -8.37 6.81
C GLY A 330 -5.51 -7.51 7.11
N PHE A 331 -6.67 -7.90 6.61
CA PHE A 331 -7.87 -7.14 6.93
C PHE A 331 -9.05 -8.05 7.23
N VAL A 332 -9.95 -7.54 8.08
CA VAL A 332 -11.22 -8.18 8.35
C VAL A 332 -12.30 -7.14 8.10
N ALA A 333 -13.29 -7.49 7.28
CA ALA A 333 -14.32 -6.53 6.90
C ALA A 333 -15.70 -7.17 6.85
N VAL A 334 -16.73 -6.37 7.06
CA VAL A 334 -18.11 -6.83 7.02
C VAL A 334 -18.81 -6.33 5.76
N VAL A 335 -19.51 -7.23 5.08
CA VAL A 335 -20.19 -6.87 3.84
C VAL A 335 -21.28 -5.82 4.09
N ASN A 336 -21.32 -4.81 3.23
CA ASN A 336 -22.35 -3.80 3.28
C ASN A 336 -23.31 -4.01 2.11
N LYS A 337 -24.44 -4.66 2.40
CA LYS A 337 -25.39 -5.07 1.37
C LYS A 337 -25.90 -3.91 0.53
N ALA A 338 -26.22 -2.80 1.19
CA ALA A 338 -26.80 -1.64 0.50
C ALA A 338 -25.81 -0.97 -0.45
N MET A 339 -24.60 -0.72 0.03
CA MET A 339 -23.60 0.01 -0.76
C MET A 339 -23.00 -0.86 -1.85
N SER A 340 -23.24 -2.17 -1.78
CA SER A 340 -22.71 -3.10 -2.78
C SER A 340 -23.60 -3.16 -4.02
N ALA A 341 -24.73 -2.44 -3.96
CA ALA A 341 -25.71 -2.48 -5.04
C ALA A 341 -25.15 -1.93 -6.36
N LYS A 342 -24.65 -0.69 -6.31
CA LYS A 342 -24.15 -0.01 -7.50
C LYS A 342 -22.98 -0.74 -8.15
N PHE A 343 -22.16 -1.40 -7.34
CA PHE A 343 -20.99 -2.09 -7.85
C PHE A 343 -21.37 -3.44 -8.47
N GLU A 344 -22.46 -4.01 -8.01
CA GLU A 344 -22.93 -5.30 -8.52
C GLU A 344 -23.65 -5.13 -9.86
N ARG A 345 -24.22 -3.95 -10.09
CA ARG A 345 -24.85 -3.66 -11.37
C ARG A 345 -23.81 -3.14 -12.36
N LEU A 346 -22.66 -2.72 -11.82
CA LEU A 346 -21.51 -2.37 -12.66
C LEU A 346 -20.96 -3.66 -13.27
N VAL A 347 -21.05 -4.73 -12.49
CA VAL A 347 -20.69 -6.07 -12.93
C VAL A 347 -21.57 -6.49 -14.11
N ALA A 348 -22.83 -6.08 -14.07
CA ALA A 348 -23.79 -6.43 -15.11
C ALA A 348 -23.41 -5.86 -16.47
N SER A 349 -22.85 -4.66 -16.47
CA SER A 349 -22.45 -4.01 -17.73
C SER A 349 -20.94 -4.05 -17.93
N ALA A 350 -20.26 -4.87 -17.14
CA ALA A 350 -18.80 -4.93 -17.17
C ALA A 350 -18.25 -5.47 -18.49
N GLU A 351 -18.73 -6.65 -18.88
CA GLU A 351 -18.25 -7.31 -20.09
C GLU A 351 -18.44 -6.44 -21.35
N GLN A 352 -19.51 -5.67 -21.35
CA GLN A 352 -19.78 -4.73 -22.43
C GLN A 352 -18.77 -3.59 -22.45
N LEU A 353 -18.60 -2.96 -21.30
CA LEU A 353 -17.73 -1.79 -21.16
C LEU A 353 -16.27 -2.08 -21.49
N LEU A 354 -15.86 -3.34 -21.32
CA LEU A 354 -14.50 -3.76 -21.64
C LEU A 354 -14.19 -3.54 -23.12
N LYS A 355 -15.20 -3.69 -23.96
CA LYS A 355 -15.05 -3.54 -25.40
C LYS A 355 -14.85 -2.09 -25.80
N GLU A 356 -15.12 -1.16 -24.88
CA GLU A 356 -15.00 0.26 -25.14
C GLU A 356 -13.56 0.73 -24.91
N LEU A 357 -12.73 -0.16 -24.40
CA LEU A 357 -11.33 0.16 -24.11
C LEU A 357 -10.51 0.22 -25.40
N PRO A 358 -9.56 1.17 -25.47
CA PRO A 358 -8.82 1.50 -26.70
C PRO A 358 -7.80 0.46 -27.17
N TRP A 359 -8.08 -0.83 -26.97
CA TRP A 359 -7.21 -1.86 -27.52
C TRP A 359 -8.05 -3.05 -28.02
N PRO A 360 -7.56 -3.75 -29.05
CA PRO A 360 -8.25 -4.90 -29.63
C PRO A 360 -8.55 -6.00 -28.61
N PRO A 361 -9.56 -6.82 -28.87
CA PRO A 361 -9.92 -7.92 -27.97
C PRO A 361 -8.83 -8.97 -27.88
N THR A 362 -7.90 -8.96 -28.83
CA THR A 362 -6.77 -9.87 -28.82
C THR A 362 -5.82 -9.53 -27.67
N PHE A 363 -5.88 -8.27 -27.22
CA PHE A 363 -5.08 -7.83 -26.08
C PHE A 363 -5.89 -7.89 -24.79
N GLU A 364 -7.10 -8.43 -24.89
CA GLU A 364 -7.98 -8.57 -23.74
C GLU A 364 -8.04 -10.03 -23.30
N LYS A 365 -8.40 -10.27 -22.05
CA LYS A 365 -8.53 -11.62 -21.52
C LYS A 365 -9.47 -12.46 -22.38
N ASP A 366 -9.07 -13.70 -22.63
CA ASP A 366 -9.85 -14.61 -23.48
C ASP A 366 -11.23 -14.87 -22.89
N LYS A 367 -11.26 -15.59 -21.77
CA LYS A 367 -12.51 -15.91 -21.09
C LYS A 367 -12.85 -14.86 -20.05
N PHE A 368 -13.98 -14.18 -20.23
CA PHE A 368 -14.45 -13.21 -19.25
C PHE A 368 -15.09 -13.94 -18.06
N LEU A 369 -14.68 -13.56 -16.86
CA LEU A 369 -15.18 -14.19 -15.64
C LEU A 369 -16.14 -13.27 -14.91
N THR A 370 -17.18 -13.85 -14.33
CA THR A 370 -18.14 -13.08 -13.53
C THR A 370 -17.43 -12.48 -12.33
N PRO A 371 -17.24 -11.14 -12.34
CA PRO A 371 -16.41 -10.50 -11.32
C PRO A 371 -17.12 -10.31 -9.99
N ASP A 372 -16.33 -10.29 -8.91
CA ASP A 372 -16.85 -10.09 -7.58
C ASP A 372 -16.55 -8.67 -7.10
N PHE A 373 -17.59 -7.87 -6.90
CA PHE A 373 -17.43 -6.50 -6.44
C PHE A 373 -18.35 -6.22 -5.26
N THR A 374 -17.76 -5.98 -4.10
CA THR A 374 -18.52 -5.73 -2.88
C THR A 374 -18.05 -4.47 -2.16
N SER A 375 -18.96 -3.82 -1.46
CA SER A 375 -18.62 -2.74 -0.56
C SER A 375 -18.58 -3.26 0.87
N LEU A 376 -17.47 -3.05 1.55
CA LEU A 376 -17.28 -3.61 2.89
C LEU A 376 -16.99 -2.55 3.94
N ASP A 377 -17.31 -2.86 5.19
CA ASP A 377 -16.95 -2.01 6.32
C ASP A 377 -15.81 -2.66 7.10
N VAL A 378 -14.69 -1.94 7.20
CA VAL A 378 -13.50 -2.46 7.84
C VAL A 378 -13.63 -2.52 9.36
N LEU A 379 -13.28 -3.67 9.94
CA LEU A 379 -13.12 -3.80 11.38
C LEU A 379 -11.63 -3.73 11.70
N THR A 380 -10.84 -4.32 10.82
CA THR A 380 -9.40 -4.39 10.99
C THR A 380 -8.70 -4.24 9.65
N PHE A 381 -7.72 -3.34 9.58
CA PHE A 381 -6.79 -3.32 8.46
C PHE A 381 -5.39 -3.09 9.00
N ALA A 382 -4.68 -4.19 9.26
CA ALA A 382 -3.36 -4.14 9.85
C ALA A 382 -2.29 -3.94 8.78
N GLY A 383 -1.18 -3.32 9.17
CA GLY A 383 -0.12 -3.03 8.24
C GLY A 383 0.25 -1.57 8.26
N SER A 384 0.90 -1.11 7.19
CA SER A 384 1.41 0.25 7.13
C SER A 384 0.33 1.29 6.85
N GLY A 385 -0.79 0.87 6.29
CA GLY A 385 -1.86 1.81 5.97
C GLY A 385 -3.16 1.19 5.49
N ILE A 386 -4.21 2.01 5.48
CA ILE A 386 -5.53 1.57 5.02
C ILE A 386 -5.89 2.18 3.67
N PRO A 387 -6.06 1.32 2.65
CA PRO A 387 -6.50 1.76 1.32
C PRO A 387 -7.99 2.07 1.28
N ALA A 388 -8.44 2.75 0.23
CA ALA A 388 -9.85 3.05 0.06
C ALA A 388 -10.55 1.88 -0.64
N GLY A 389 -9.83 1.24 -1.54
CA GLY A 389 -10.33 0.07 -2.25
C GLY A 389 -9.19 -0.86 -2.60
N ILE A 390 -9.48 -2.16 -2.68
CA ILE A 390 -8.46 -3.13 -3.02
C ILE A 390 -8.89 -4.00 -4.20
N ASN A 391 -7.91 -4.48 -4.94
CA ASN A 391 -8.14 -5.42 -6.04
C ASN A 391 -7.19 -6.59 -5.90
N ILE A 392 -7.72 -7.74 -5.49
CA ILE A 392 -6.90 -8.87 -5.09
C ILE A 392 -7.53 -10.20 -5.50
N PRO A 393 -6.73 -11.27 -5.62
CA PRO A 393 -5.29 -11.38 -5.38
C PRO A 393 -4.44 -10.77 -6.50
N ASN A 394 -3.14 -10.67 -6.29
CA ASN A 394 -2.25 -10.09 -7.30
C ASN A 394 -1.63 -11.15 -8.21
N TYR A 395 -1.83 -12.42 -7.87
CA TYR A 395 -1.31 -13.52 -8.67
C TYR A 395 -1.99 -13.57 -10.04
N ASP A 396 -1.27 -13.12 -11.07
CA ASP A 396 -1.84 -12.96 -12.40
C ASP A 396 -2.39 -14.25 -13.01
N ASP A 397 -1.76 -15.37 -12.71
CA ASP A 397 -2.23 -16.66 -13.24
C ASP A 397 -3.61 -16.99 -12.67
N LEU A 398 -3.82 -16.67 -11.39
CA LEU A 398 -5.11 -16.85 -10.76
C LEU A 398 -6.15 -15.88 -11.33
N ARG A 399 -5.67 -14.69 -11.70
CA ARG A 399 -6.54 -13.63 -12.23
C ARG A 399 -7.19 -14.02 -13.55
N GLN A 400 -6.45 -14.75 -14.37
CA GLN A 400 -6.90 -15.05 -15.73
C GLN A 400 -7.45 -16.47 -15.87
N THR A 401 -7.61 -17.17 -14.75
CA THR A 401 -8.15 -18.52 -14.76
C THR A 401 -9.28 -18.69 -13.75
N GLU A 402 -9.07 -18.17 -12.54
CA GLU A 402 -10.04 -18.33 -11.47
C GLU A 402 -10.90 -17.08 -11.30
N GLY A 403 -10.24 -15.92 -11.26
CA GLY A 403 -10.92 -14.65 -11.07
C GLY A 403 -10.25 -13.80 -10.01
N PHE A 404 -10.95 -12.78 -9.57
CA PHE A 404 -10.42 -11.86 -8.56
C PHE A 404 -11.57 -11.11 -7.88
N LYS A 405 -11.30 -10.59 -6.68
CA LYS A 405 -12.31 -9.86 -5.95
C LYS A 405 -12.04 -8.35 -5.94
N ASN A 406 -13.06 -7.59 -6.30
CA ASN A 406 -12.99 -6.14 -6.17
C ASN A 406 -13.68 -5.71 -4.89
N VAL A 407 -12.99 -4.91 -4.09
CA VAL A 407 -13.54 -4.48 -2.82
C VAL A 407 -13.44 -2.97 -2.63
N SER A 408 -14.56 -2.36 -2.26
CA SER A 408 -14.58 -0.94 -1.90
C SER A 408 -14.83 -0.82 -0.40
N LEU A 409 -13.94 -0.11 0.29
CA LEU A 409 -14.05 0.03 1.74
C LEU A 409 -14.86 1.26 2.11
N GLY A 410 -16.15 1.06 2.36
CA GLY A 410 -17.10 2.14 2.58
C GLY A 410 -16.78 3.10 3.71
N ASN A 411 -16.48 2.56 4.89
CA ASN A 411 -16.22 3.41 6.06
C ASN A 411 -14.83 4.03 6.00
N VAL A 412 -14.03 3.60 5.03
CA VAL A 412 -12.74 4.24 4.77
C VAL A 412 -12.95 5.42 3.82
N LEU A 413 -13.79 5.21 2.81
CA LEU A 413 -14.13 6.25 1.85
C LEU A 413 -14.76 7.46 2.54
N ALA A 414 -15.55 7.21 3.57
CA ALA A 414 -16.24 8.27 4.30
C ALA A 414 -15.24 9.19 5.00
N VAL A 415 -14.14 8.61 5.47
CA VAL A 415 -13.08 9.38 6.12
C VAL A 415 -12.42 10.34 5.12
N ALA A 416 -12.30 9.87 3.88
CA ALA A 416 -11.67 10.67 2.82
C ALA A 416 -12.62 11.73 2.27
N TYR A 417 -13.90 11.62 2.60
CA TYR A 417 -14.89 12.58 2.14
C TYR A 417 -14.98 13.79 3.07
N ALA A 418 -13.83 14.29 3.51
CA ALA A 418 -13.80 15.45 4.40
C ALA A 418 -12.78 16.47 3.92
N THR A 419 -13.24 17.44 3.15
CA THR A 419 -12.36 18.48 2.62
C THR A 419 -13.00 19.86 2.68
N GLN A 420 -12.65 20.62 3.70
CA GLN A 420 -13.08 22.01 3.82
C GLN A 420 -12.53 22.81 2.64
N ARG A 421 -13.31 23.76 2.15
CA ARG A 421 -12.94 24.54 0.96
C ARG A 421 -11.70 25.40 1.20
N GLU A 422 -11.36 25.60 2.47
CA GLU A 422 -10.14 26.34 2.82
C GLU A 422 -8.90 25.53 2.44
N LYS A 423 -9.04 24.20 2.50
CA LYS A 423 -7.92 23.30 2.25
C LYS A 423 -7.80 22.94 0.77
N LEU A 424 -8.84 23.22 0.00
CA LEU A 424 -8.83 22.94 -1.43
C LEU A 424 -7.93 23.91 -2.17
N THR A 425 -6.65 23.59 -2.21
CA THR A 425 -5.64 24.48 -2.79
C THR A 425 -5.58 24.38 -4.31
N PHE A 426 -4.98 25.40 -4.92
CA PHE A 426 -4.68 25.42 -6.35
C PHE A 426 -5.94 25.37 -7.23
N LEU A 427 -7.04 25.89 -6.70
CA LEU A 427 -8.28 25.97 -7.47
C LEU A 427 -8.90 27.36 -7.31
N GLU A 428 -9.40 27.92 -8.41
CA GLU A 428 -10.13 29.18 -8.35
C GLU A 428 -11.46 28.96 -7.65
N GLU A 429 -12.13 30.07 -7.31
CA GLU A 429 -13.33 30.03 -6.47
C GLU A 429 -14.46 29.16 -7.04
N ASP A 430 -14.84 29.42 -8.28
CA ASP A 430 -15.98 28.74 -8.89
C ASP A 430 -15.76 27.23 -9.04
N ASP A 431 -14.51 26.79 -9.08
CA ASP A 431 -14.19 25.38 -9.21
C ASP A 431 -14.26 24.66 -7.86
N LYS A 432 -14.07 25.41 -6.78
CA LYS A 432 -14.13 24.84 -5.44
C LYS A 432 -15.54 24.35 -5.11
N ASP A 433 -16.54 25.12 -5.51
CA ASP A 433 -17.93 24.79 -5.24
C ASP A 433 -18.35 23.48 -5.90
N LEU A 434 -17.98 23.33 -7.17
CA LEU A 434 -18.25 22.10 -7.91
C LEU A 434 -17.46 20.94 -7.30
N TYR A 435 -16.29 21.24 -6.76
CA TYR A 435 -15.42 20.24 -6.18
C TYR A 435 -16.04 19.63 -4.92
N ILE A 436 -16.58 20.48 -4.05
CA ILE A 436 -17.20 20.03 -2.81
C ILE A 436 -18.42 19.16 -3.07
N LEU A 437 -19.22 19.55 -4.05
CA LEU A 437 -20.45 18.85 -4.37
C LEU A 437 -20.22 17.47 -4.98
N TRP A 438 -19.19 17.34 -5.82
CA TRP A 438 -19.06 16.16 -6.65
C TRP A 438 -17.82 15.30 -6.42
N LYS A 439 -16.97 15.69 -5.47
CA LYS A 439 -15.77 14.89 -5.18
C LYS A 439 -16.17 13.51 -4.67
N GLY A 440 -17.21 13.47 -3.86
CA GLY A 440 -17.74 12.22 -3.33
C GLY A 440 -18.19 11.24 -4.39
N PRO A 441 -19.22 11.59 -5.18
CA PRO A 441 -19.73 10.69 -6.21
C PRO A 441 -18.71 10.34 -7.30
N SER A 442 -17.90 11.31 -7.70
CA SER A 442 -16.90 11.07 -8.75
C SER A 442 -15.87 10.05 -8.31
N PHE A 443 -15.63 9.99 -7.00
CA PHE A 443 -14.71 8.99 -6.45
C PHE A 443 -15.28 7.59 -6.62
N ASP A 444 -16.56 7.42 -6.34
CA ASP A 444 -17.24 6.14 -6.52
C ASP A 444 -17.13 5.67 -7.97
N VAL A 445 -17.25 6.62 -8.90
CA VAL A 445 -17.10 6.33 -10.31
C VAL A 445 -15.68 5.87 -10.64
N GLN A 446 -14.71 6.70 -10.28
CA GLN A 446 -13.31 6.43 -10.56
C GLN A 446 -12.86 5.11 -9.92
N VAL A 447 -13.17 4.96 -8.63
CA VAL A 447 -12.78 3.76 -7.89
C VAL A 447 -13.38 2.50 -8.51
N GLY A 448 -14.64 2.59 -8.90
CA GLY A 448 -15.32 1.46 -9.54
C GLY A 448 -14.64 1.01 -10.81
N LEU A 449 -14.38 1.96 -11.70
CA LEU A 449 -13.72 1.68 -12.97
C LEU A 449 -12.26 1.29 -12.75
N HIS A 450 -11.62 1.93 -11.78
CA HIS A 450 -10.23 1.66 -11.42
C HIS A 450 -10.05 0.20 -11.00
N ALA A 451 -11.02 -0.32 -10.24
CA ALA A 451 -10.94 -1.67 -9.71
C ALA A 451 -11.33 -2.71 -10.75
N LEU A 452 -12.60 -2.68 -11.15
CA LEU A 452 -13.15 -3.70 -12.03
C LEU A 452 -12.57 -3.65 -13.44
N LEU A 453 -12.72 -2.50 -14.11
CA LEU A 453 -12.28 -2.37 -15.49
C LEU A 453 -10.84 -1.89 -15.61
N GLY A 454 -10.31 -1.38 -14.51
CA GLY A 454 -8.94 -0.89 -14.50
C GLY A 454 -7.94 -2.03 -14.32
N HIS A 455 -7.80 -2.51 -13.09
CA HIS A 455 -6.88 -3.60 -12.78
C HIS A 455 -7.35 -4.93 -13.37
N GLY A 456 -8.65 -5.02 -13.64
CA GLY A 456 -9.25 -6.25 -14.10
C GLY A 456 -9.15 -6.49 -15.60
N SER A 457 -8.78 -5.46 -16.34
CA SER A 457 -8.64 -5.59 -17.78
C SER A 457 -7.20 -5.83 -18.19
N GLY A 458 -7.01 -6.32 -19.41
CA GLY A 458 -5.68 -6.56 -19.94
C GLY A 458 -5.26 -8.02 -19.87
N LYS A 459 -4.64 -8.49 -20.94
CA LYS A 459 -4.13 -9.86 -21.00
C LYS A 459 -2.62 -9.86 -21.15
N LEU A 460 -1.96 -10.75 -20.42
CA LEU A 460 -0.52 -10.91 -20.55
C LEU A 460 -0.19 -12.01 -21.55
N PHE A 461 0.67 -11.72 -22.51
CA PHE A 461 1.09 -12.71 -23.48
C PHE A 461 2.17 -13.61 -22.89
N VAL A 462 1.86 -14.89 -22.73
CA VAL A 462 2.77 -15.81 -22.06
C VAL A 462 3.10 -17.04 -22.91
N GLN A 463 4.40 -17.34 -23.00
CA GLN A 463 4.85 -18.58 -23.62
C GLN A 463 5.31 -19.56 -22.55
N ASP A 464 4.76 -20.77 -22.56
CA ASP A 464 5.09 -21.76 -21.55
C ASP A 464 6.47 -22.36 -21.79
N GLU A 465 6.73 -23.51 -21.16
CA GLU A 465 8.02 -24.20 -21.29
C GLU A 465 8.29 -24.58 -22.75
N LYS A 466 7.25 -24.94 -23.47
CA LYS A 466 7.36 -25.22 -24.90
C LYS A 466 6.87 -24.00 -25.70
N GLY A 467 7.08 -24.03 -27.00
CA GLY A 467 6.76 -22.89 -27.86
C GLY A 467 5.28 -22.65 -28.11
N ALA A 468 4.45 -22.93 -27.11
CA ALA A 468 3.02 -22.67 -27.24
C ALA A 468 2.65 -21.38 -26.51
N PHE A 469 1.83 -20.56 -27.16
CA PHE A 469 1.43 -19.28 -26.59
C PHE A 469 -0.02 -19.29 -26.14
N ASN A 470 -0.36 -18.40 -25.21
CA ASN A 470 -1.73 -18.25 -24.75
C ASN A 470 -2.51 -17.30 -25.65
N PHE A 471 -1.90 -16.96 -26.78
CA PHE A 471 -2.53 -16.09 -27.77
C PHE A 471 -2.20 -16.57 -29.18
N ASP A 472 -3.00 -16.16 -30.15
CA ASP A 472 -2.79 -16.54 -31.54
C ASP A 472 -1.65 -15.72 -32.15
N GLN A 473 -0.43 -16.21 -32.01
CA GLN A 473 0.76 -15.51 -32.48
C GLN A 473 0.74 -15.31 -33.99
N GLU A 474 -0.11 -16.06 -34.68
CA GLU A 474 -0.19 -16.00 -36.13
C GLU A 474 -1.01 -14.82 -36.65
N THR A 475 -2.06 -14.44 -35.91
CA THR A 475 -2.98 -13.42 -36.40
C THR A 475 -3.02 -12.16 -35.53
N VAL A 476 -2.54 -12.27 -34.29
CA VAL A 476 -2.54 -11.11 -33.40
C VAL A 476 -1.49 -10.09 -33.85
N ILE A 477 -1.94 -8.86 -34.08
CA ILE A 477 -1.06 -7.80 -34.57
C ILE A 477 -0.95 -6.65 -33.56
N ASN A 478 0.27 -6.17 -33.35
CA ASN A 478 0.53 -4.99 -32.53
C ASN A 478 -0.02 -3.75 -33.22
N PRO A 479 -1.04 -3.11 -32.63
CA PRO A 479 -1.70 -1.96 -33.24
C PRO A 479 -0.79 -0.74 -33.41
N GLU A 480 0.25 -0.65 -32.59
CA GLU A 480 1.16 0.50 -32.65
C GLU A 480 2.21 0.35 -33.75
N THR A 481 2.62 -0.89 -34.02
CA THR A 481 3.68 -1.14 -34.99
C THR A 481 3.15 -1.81 -36.26
N GLY A 482 2.04 -2.52 -36.14
CA GLY A 482 1.45 -3.20 -37.27
C GLY A 482 2.04 -4.58 -37.49
N GLU A 483 3.10 -4.89 -36.75
CA GLU A 483 3.79 -6.16 -36.88
C GLU A 483 3.18 -7.23 -35.96
N GLN A 484 3.65 -8.46 -36.12
CA GLN A 484 3.27 -9.54 -35.22
C GLN A 484 3.92 -9.33 -33.86
N ILE A 485 3.45 -10.06 -32.86
CA ILE A 485 3.97 -9.92 -31.51
C ILE A 485 5.41 -10.39 -31.42
N GLN A 486 6.29 -9.50 -30.93
CA GLN A 486 7.72 -9.77 -30.88
C GLN A 486 8.20 -10.20 -29.49
N SER A 487 7.52 -9.72 -28.46
CA SER A 487 7.91 -10.02 -27.08
C SER A 487 6.73 -10.49 -26.23
N TRP A 488 7.04 -11.23 -25.17
CA TRP A 488 6.02 -11.80 -24.31
C TRP A 488 6.60 -12.16 -22.95
N TYR A 489 5.77 -12.76 -22.08
CA TYR A 489 6.24 -13.23 -20.78
C TYR A 489 6.60 -14.71 -20.87
N ARG A 490 7.66 -15.09 -20.16
CA ARG A 490 8.11 -16.48 -20.14
C ARG A 490 7.86 -17.09 -18.77
N CYS A 491 8.19 -18.37 -18.62
CA CYS A 491 7.97 -19.06 -17.35
C CYS A 491 8.81 -18.47 -16.23
N GLY A 492 8.17 -18.20 -15.10
CA GLY A 492 8.85 -17.62 -13.96
C GLY A 492 8.77 -16.11 -13.94
N GLU A 493 8.34 -15.53 -15.06
CA GLU A 493 8.26 -14.08 -15.18
C GLU A 493 6.90 -13.55 -14.75
N THR A 494 6.91 -12.45 -14.01
CA THR A 494 5.68 -11.80 -13.58
C THR A 494 5.73 -10.32 -13.93
N TRP A 495 4.60 -9.63 -13.72
CA TRP A 495 4.52 -8.20 -13.95
C TRP A 495 5.56 -7.45 -13.11
N ASP A 496 5.67 -7.83 -11.85
CA ASP A 496 6.62 -7.21 -10.94
C ASP A 496 8.06 -7.55 -11.27
N SER A 497 8.29 -8.79 -11.72
CA SER A 497 9.65 -9.23 -12.00
C SER A 497 10.26 -8.50 -13.20
N LYS A 498 9.44 -8.22 -14.21
CA LYS A 498 9.94 -7.60 -15.44
C LYS A 498 10.00 -6.08 -15.37
N PHE A 499 8.96 -5.45 -14.83
CA PHE A 499 8.89 -3.99 -14.81
C PHE A 499 9.43 -3.40 -13.50
N SER A 500 9.67 -4.27 -12.53
CA SER A 500 10.32 -3.92 -11.26
C SER A 500 9.93 -2.57 -10.64
N THR A 501 10.83 -1.60 -10.74
CA THR A 501 10.72 -0.34 -10.01
C THR A 501 9.53 0.53 -10.43
N ILE A 502 9.04 0.34 -11.64
CA ILE A 502 7.91 1.13 -12.11
C ILE A 502 6.64 0.30 -12.22
N ALA A 503 6.73 -0.98 -11.90
CA ALA A 503 5.60 -1.91 -12.04
C ALA A 503 4.34 -1.41 -11.35
N SER A 504 4.47 -1.01 -10.08
CA SER A 504 3.34 -0.54 -9.30
C SER A 504 2.73 0.73 -9.86
N SER A 505 3.57 1.73 -10.13
CA SER A 505 3.09 3.02 -10.60
C SER A 505 2.51 2.93 -12.01
N TYR A 506 3.17 2.16 -12.87
CA TYR A 506 2.72 1.92 -14.23
C TYR A 506 1.29 1.39 -14.24
N GLU A 507 1.05 0.36 -13.44
CA GLU A 507 -0.25 -0.30 -13.41
C GLU A 507 -1.33 0.59 -12.80
N GLU A 508 -0.97 1.34 -11.76
CA GLU A 508 -1.92 2.27 -11.16
C GLU A 508 -2.27 3.38 -12.15
N CYS A 509 -1.31 3.76 -12.97
CA CYS A 509 -1.53 4.79 -13.99
C CYS A 509 -2.50 4.29 -15.06
N ARG A 510 -2.31 3.05 -15.49
CA ARG A 510 -3.20 2.44 -16.46
C ARG A 510 -4.60 2.32 -15.91
N ALA A 511 -4.70 1.91 -14.64
CA ALA A 511 -5.97 1.77 -13.97
C ALA A 511 -6.70 3.11 -13.84
N GLU A 512 -5.96 4.13 -13.43
CA GLU A 512 -6.52 5.47 -13.30
C GLU A 512 -6.96 6.03 -14.64
N SER A 513 -6.20 5.72 -15.69
CA SER A 513 -6.52 6.18 -17.03
C SER A 513 -7.83 5.56 -17.52
N VAL A 514 -7.99 4.26 -17.28
CA VAL A 514 -9.23 3.56 -17.64
C VAL A 514 -10.44 4.22 -16.97
N GLY A 515 -10.29 4.56 -15.70
CA GLY A 515 -11.35 5.22 -14.95
C GLY A 515 -11.67 6.58 -15.51
N LEU A 516 -10.62 7.38 -15.74
CA LEU A 516 -10.79 8.72 -16.29
C LEU A 516 -11.39 8.67 -17.69
N TYR A 517 -10.97 7.67 -18.46
CA TYR A 517 -11.42 7.49 -19.84
C TYR A 517 -12.89 7.09 -19.90
N LEU A 518 -13.26 6.08 -19.14
CA LEU A 518 -14.62 5.55 -19.17
C LEU A 518 -15.61 6.40 -18.38
N SER A 519 -15.12 7.44 -17.72
CA SER A 519 -15.99 8.33 -16.96
C SER A 519 -16.75 9.27 -17.89
N LEU A 520 -16.35 9.29 -19.15
CA LEU A 520 -17.00 10.12 -20.16
C LEU A 520 -18.23 9.41 -20.73
N HIS A 521 -18.35 8.12 -20.41
CA HIS A 521 -19.42 7.29 -20.94
C HIS A 521 -20.75 7.58 -20.24
N PRO A 522 -21.77 7.99 -21.01
CA PRO A 522 -23.10 8.32 -20.49
C PRO A 522 -23.80 7.15 -19.80
N GLN A 523 -23.38 5.92 -20.09
CA GLN A 523 -24.01 4.74 -19.49
C GLN A 523 -23.43 4.43 -18.11
N VAL A 524 -22.13 4.62 -17.95
CA VAL A 524 -21.48 4.40 -16.67
C VAL A 524 -21.99 5.42 -15.66
N LEU A 525 -22.35 6.60 -16.15
CA LEU A 525 -22.90 7.64 -15.30
C LEU A 525 -24.39 7.40 -15.03
N GLU A 526 -24.83 6.16 -15.22
CA GLU A 526 -26.19 5.76 -14.94
C GLU A 526 -26.19 4.57 -13.99
N ILE A 527 -25.17 3.73 -14.11
CA ILE A 527 -24.93 2.65 -13.18
C ILE A 527 -24.72 3.24 -11.79
N PHE A 528 -24.07 4.40 -11.75
CA PHE A 528 -23.93 5.16 -10.52
C PHE A 528 -25.06 6.20 -10.40
N GLY A 529 -25.73 6.45 -11.53
CA GLY A 529 -26.98 7.19 -11.54
C GLY A 529 -26.91 8.71 -11.42
N PHE A 530 -26.33 9.36 -12.41
CA PHE A 530 -26.20 10.81 -12.42
C PHE A 530 -26.95 11.42 -13.60
N GLU A 531 -26.79 10.78 -14.76
CA GLU A 531 -27.65 10.99 -15.94
C GLU A 531 -27.52 12.33 -16.68
N GLY A 532 -27.75 13.44 -16.00
CA GLY A 532 -27.84 14.73 -16.69
C GLY A 532 -26.60 15.61 -16.59
N ALA A 533 -26.81 16.88 -16.29
CA ALA A 533 -25.71 17.82 -16.05
C ALA A 533 -24.96 17.38 -14.81
N ASP A 534 -25.68 16.71 -13.90
CA ASP A 534 -25.07 16.03 -12.77
C ASP A 534 -23.98 15.09 -13.25
N ALA A 535 -24.32 14.27 -14.24
CA ALA A 535 -23.35 13.35 -14.84
C ALA A 535 -22.22 14.11 -15.51
N GLU A 536 -22.57 15.20 -16.15
CA GLU A 536 -21.58 16.00 -16.81
C GLU A 536 -20.67 16.60 -15.77
N ASP A 537 -21.23 17.10 -14.68
CA ASP A 537 -20.48 17.72 -13.60
C ASP A 537 -19.52 16.74 -12.97
N VAL A 538 -19.97 15.52 -12.74
CA VAL A 538 -19.12 14.48 -12.19
C VAL A 538 -17.91 14.25 -13.10
N ILE A 539 -18.14 14.32 -14.40
CA ILE A 539 -17.08 14.21 -15.39
C ILE A 539 -16.01 15.28 -15.19
N TYR A 540 -16.44 16.53 -15.17
CA TYR A 540 -15.51 17.66 -15.06
C TYR A 540 -14.73 17.62 -13.76
N VAL A 541 -15.40 17.32 -12.66
CA VAL A 541 -14.77 17.25 -11.36
C VAL A 541 -13.75 16.12 -11.30
N ASN A 542 -14.12 14.97 -11.85
CA ASN A 542 -13.22 13.82 -11.90
C ASN A 542 -11.95 14.13 -12.68
N TRP A 543 -12.10 14.95 -13.71
CA TRP A 543 -10.96 15.36 -14.54
C TRP A 543 -10.21 16.54 -13.89
N LEU A 544 -10.94 17.39 -13.19
CA LEU A 544 -10.32 18.51 -12.47
C LEU A 544 -9.54 18.00 -11.27
N ASN A 545 -10.08 16.99 -10.61
CA ASN A 545 -9.41 16.38 -9.47
C ASN A 545 -8.15 15.65 -9.89
N MET A 546 -8.18 15.03 -11.06
CA MET A 546 -7.05 14.28 -11.58
C MET A 546 -5.87 15.20 -11.88
N VAL A 547 -6.14 16.33 -12.52
CA VAL A 547 -5.07 17.25 -12.92
C VAL A 547 -4.56 18.05 -11.72
N ARG A 548 -5.42 18.24 -10.71
CA ARG A 548 -4.99 18.90 -9.48
C ARG A 548 -4.09 17.97 -8.69
N ALA A 549 -4.46 16.69 -8.64
CA ALA A 549 -3.69 15.68 -7.93
C ALA A 549 -2.32 15.48 -8.57
N GLY A 550 -2.24 15.73 -9.87
CA GLY A 550 -0.97 15.64 -10.59
C GLY A 550 -0.01 16.70 -10.11
N LEU A 551 -0.55 17.88 -9.81
CA LEU A 551 0.25 18.97 -9.26
C LEU A 551 0.65 18.68 -7.83
N LEU A 552 -0.31 18.20 -7.04
CA LEU A 552 -0.07 17.84 -5.64
C LEU A 552 0.94 16.70 -5.52
N ALA A 553 1.05 15.91 -6.58
CA ALA A 553 1.91 14.74 -6.61
C ALA A 553 3.38 15.08 -6.41
N LEU A 554 3.75 16.32 -6.72
CA LEU A 554 5.14 16.75 -6.67
C LEU A 554 5.74 16.71 -5.26
N GLU A 555 4.88 16.65 -4.25
CA GLU A 555 5.32 16.50 -2.87
C GLU A 555 6.08 15.18 -2.71
N PHE A 556 5.72 14.19 -3.51
CA PHE A 556 6.23 12.84 -3.37
C PHE A 556 7.29 12.52 -4.41
N TYR A 557 7.96 13.56 -4.89
CA TYR A 557 9.09 13.39 -5.81
C TYR A 557 10.36 13.95 -5.17
N THR A 558 11.45 13.19 -5.28
CA THR A 558 12.73 13.62 -4.70
C THR A 558 13.70 14.01 -5.81
N PRO A 559 13.90 15.33 -6.01
CA PRO A 559 14.73 15.89 -7.08
C PRO A 559 16.18 15.41 -7.04
N GLU A 560 16.76 15.37 -5.84
CA GLU A 560 18.16 14.97 -5.69
C GLU A 560 18.39 13.53 -6.12
N ALA A 561 17.36 12.70 -5.99
CA ALA A 561 17.46 11.30 -6.35
C ALA A 561 16.76 11.01 -7.68
N PHE A 562 16.05 12.01 -8.19
CA PHE A 562 15.23 11.86 -9.39
C PHE A 562 14.29 10.68 -9.23
N ASN A 563 13.70 10.57 -8.04
CA ASN A 563 12.97 9.37 -7.66
C ASN A 563 11.57 9.67 -7.15
N TRP A 564 10.60 8.94 -7.68
CA TRP A 564 9.23 9.03 -7.20
C TRP A 564 9.00 8.08 -6.01
N ARG A 565 8.37 8.59 -4.96
CA ARG A 565 8.28 7.86 -3.70
C ARG A 565 6.92 7.22 -3.48
N GLN A 566 5.95 7.51 -4.35
CA GLN A 566 4.61 6.97 -4.19
C GLN A 566 3.99 6.66 -5.56
N ALA A 567 3.60 5.40 -5.75
CA ALA A 567 3.14 4.90 -7.04
C ALA A 567 1.93 5.64 -7.59
N HIS A 568 0.91 5.84 -6.75
CA HIS A 568 -0.33 6.46 -7.20
C HIS A 568 -0.14 7.92 -7.60
N MET A 569 0.65 8.65 -6.81
CA MET A 569 0.89 10.06 -7.08
C MET A 569 1.74 10.24 -8.34
N GLN A 570 2.75 9.39 -8.51
CA GLN A 570 3.55 9.39 -9.73
C GLN A 570 2.64 9.14 -10.93
N ALA A 571 1.71 8.22 -10.76
CA ALA A 571 0.77 7.86 -11.81
C ALA A 571 -0.11 9.05 -12.21
N ARG A 572 -0.48 9.86 -11.24
CA ARG A 572 -1.36 10.99 -11.48
C ARG A 572 -0.60 12.17 -12.09
N PHE A 573 0.68 12.28 -11.76
CA PHE A 573 1.52 13.31 -12.37
C PHE A 573 1.70 12.99 -13.85
N VAL A 574 1.91 11.72 -14.15
CA VAL A 574 2.07 11.25 -15.53
C VAL A 574 0.85 11.62 -16.37
N ILE A 575 -0.33 11.37 -15.81
CA ILE A 575 -1.58 11.68 -16.50
C ILE A 575 -1.71 13.18 -16.75
N LEU A 576 -1.25 13.99 -15.79
CA LEU A 576 -1.22 15.43 -15.96
C LEU A 576 -0.30 15.80 -17.12
N ARG A 577 0.83 15.12 -17.21
CA ARG A 577 1.80 15.38 -18.27
C ARG A 577 1.27 14.98 -19.64
N VAL A 578 0.49 13.90 -19.68
CA VAL A 578 -0.13 13.43 -20.91
C VAL A 578 -1.12 14.46 -21.44
N LEU A 579 -1.95 14.99 -20.53
CA LEU A 579 -2.94 15.97 -20.89
C LEU A 579 -2.29 17.31 -21.24
N LEU A 580 -1.20 17.64 -20.53
CA LEU A 580 -0.45 18.85 -20.83
C LEU A 580 0.22 18.75 -22.21
N GLU A 581 0.60 17.52 -22.58
CA GLU A 581 1.24 17.27 -23.86
C GLU A 581 0.29 17.54 -25.01
N ALA A 582 -0.99 17.27 -24.79
CA ALA A 582 -2.01 17.48 -25.81
C ALA A 582 -2.13 18.95 -26.21
N GLY A 583 -1.69 19.82 -25.31
CA GLY A 583 -1.73 21.26 -25.55
C GLY A 583 -3.12 21.77 -25.84
N GLU A 584 -3.21 22.75 -26.73
CA GLU A 584 -4.48 23.32 -27.17
C GLU A 584 -5.33 23.84 -26.01
N GLY A 585 -4.65 24.34 -24.98
CA GLY A 585 -5.32 25.00 -23.87
C GLY A 585 -6.24 24.14 -23.03
N LEU A 586 -6.07 22.83 -23.09
CA LEU A 586 -6.87 21.92 -22.29
C LEU A 586 -6.60 22.11 -20.80
N VAL A 587 -5.33 22.08 -20.43
CA VAL A 587 -4.92 22.23 -19.04
C VAL A 587 -3.72 23.16 -18.92
N THR A 588 -3.81 24.12 -18.00
CA THR A 588 -2.72 25.06 -17.75
C THR A 588 -2.42 25.19 -16.27
N ILE A 589 -1.16 25.42 -15.94
CA ILE A 589 -0.75 25.63 -14.55
C ILE A 589 -0.07 26.99 -14.42
N THR A 590 -0.63 27.87 -13.60
CA THR A 590 -0.13 29.23 -13.49
C THR A 590 0.32 29.57 -12.07
N PRO A 591 1.57 30.01 -11.91
CA PRO A 591 2.09 30.45 -10.60
C PRO A 591 1.48 31.78 -10.19
N THR A 592 0.81 31.80 -9.04
CA THR A 592 0.18 33.03 -8.55
C THR A 592 0.70 33.41 -7.17
N THR A 593 0.00 34.31 -6.50
CA THR A 593 0.33 34.71 -5.15
C THR A 593 -0.90 34.63 -4.26
N GLY A 594 -0.81 33.86 -3.18
CA GLY A 594 -1.93 33.68 -2.27
C GLY A 594 -2.25 34.93 -1.49
N SER A 595 -3.39 34.90 -0.79
CA SER A 595 -3.83 36.03 0.01
C SER A 595 -2.89 36.28 1.20
N ASP A 596 -2.15 35.24 1.59
CA ASP A 596 -1.23 35.33 2.71
C ASP A 596 0.15 35.86 2.26
N GLY A 597 0.26 36.18 0.98
CA GLY A 597 1.50 36.74 0.45
C GLY A 597 2.53 35.71 0.06
N ARG A 598 2.18 34.43 0.21
CA ARG A 598 3.07 33.34 -0.14
C ARG A 598 2.80 32.86 -1.58
N PRO A 599 3.81 32.23 -2.20
CA PRO A 599 3.64 31.66 -3.54
C PRO A 599 2.46 30.70 -3.64
N ASP A 600 1.71 30.79 -4.73
CA ASP A 600 0.57 29.92 -4.95
C ASP A 600 0.55 29.45 -6.41
N ALA A 601 -0.52 28.76 -6.80
CA ALA A 601 -0.67 28.30 -8.18
C ALA A 601 -2.13 28.03 -8.49
N ARG A 602 -2.46 28.01 -9.77
CA ARG A 602 -3.83 27.75 -10.21
C ARG A 602 -3.86 26.71 -11.32
N VAL A 603 -4.79 25.76 -11.21
CA VAL A 603 -4.96 24.73 -12.21
C VAL A 603 -6.24 24.98 -13.02
N ARG A 604 -6.09 25.32 -14.29
CA ARG A 604 -7.24 25.60 -15.14
C ARG A 604 -7.49 24.47 -16.14
N LEU A 605 -8.73 23.99 -16.18
CA LEU A 605 -9.11 22.93 -17.09
C LEU A 605 -10.31 23.33 -17.95
N ASP A 606 -10.06 23.51 -19.24
CA ASP A 606 -11.11 23.84 -20.20
C ASP A 606 -12.03 22.63 -20.39
N ARG A 607 -13.23 22.71 -19.82
CA ARG A 607 -14.15 21.58 -19.82
C ARG A 607 -14.70 21.26 -21.20
N SER A 608 -14.67 22.25 -22.09
CA SER A 608 -15.19 22.07 -23.45
C SER A 608 -14.26 21.17 -24.27
N LYS A 609 -12.97 21.20 -23.94
CA LYS A 609 -11.97 20.45 -24.70
C LYS A 609 -11.62 19.12 -24.06
N ILE A 610 -12.45 18.67 -23.13
CA ILE A 610 -12.23 17.39 -22.47
C ILE A 610 -12.45 16.23 -23.44
N ARG A 611 -13.52 16.30 -24.23
CA ARG A 611 -13.85 15.22 -25.16
C ARG A 611 -13.14 15.36 -26.51
N SER A 612 -12.90 16.60 -26.93
CA SER A 612 -12.30 16.84 -28.24
C SER A 612 -10.78 16.71 -28.20
N VAL A 613 -10.17 17.08 -27.08
CA VAL A 613 -8.72 17.05 -26.95
C VAL A 613 -8.25 16.03 -25.92
N GLY A 614 -8.90 16.01 -24.76
CA GLY A 614 -8.50 15.15 -23.66
C GLY A 614 -8.67 13.67 -23.94
N LYS A 615 -9.83 13.27 -24.43
CA LYS A 615 -10.11 11.87 -24.72
C LYS A 615 -9.19 11.26 -25.79
N PRO A 616 -8.98 11.95 -26.94
CA PRO A 616 -8.09 11.34 -27.94
C PRO A 616 -6.66 11.19 -27.43
N ALA A 617 -6.21 12.11 -26.58
CA ALA A 617 -4.87 12.03 -26.01
C ALA A 617 -4.77 10.88 -25.02
N LEU A 618 -5.83 10.72 -24.23
CA LEU A 618 -5.89 9.66 -23.22
C LEU A 618 -6.03 8.29 -23.89
N GLU A 619 -6.85 8.23 -24.94
CA GLU A 619 -7.08 7.01 -25.69
C GLU A 619 -5.79 6.47 -26.30
N ARG A 620 -4.99 7.37 -26.87
CA ARG A 620 -3.71 7.00 -27.46
C ARG A 620 -2.74 6.52 -26.38
N PHE A 621 -2.71 7.25 -25.27
CA PHE A 621 -1.84 6.92 -24.13
C PHE A 621 -2.20 5.56 -23.54
N LEU A 622 -3.50 5.35 -23.33
CA LEU A 622 -3.98 4.11 -22.73
C LEU A 622 -3.67 2.90 -23.60
N ARG A 623 -3.78 3.08 -24.91
CA ARG A 623 -3.47 2.01 -25.85
C ARG A 623 -2.01 1.60 -25.76
N ARG A 624 -1.13 2.59 -25.76
CA ARG A 624 0.31 2.33 -25.69
C ARG A 624 0.68 1.64 -24.39
N LEU A 625 0.04 2.02 -23.29
CA LEU A 625 0.27 1.40 -21.99
C LEU A 625 -0.01 -0.10 -22.03
N GLN A 626 -1.17 -0.46 -22.55
CA GLN A 626 -1.60 -1.85 -22.56
C GLN A 626 -0.76 -2.72 -23.48
N VAL A 627 -0.45 -2.19 -24.67
CA VAL A 627 0.35 -2.91 -25.65
C VAL A 627 1.71 -3.31 -25.08
N LEU A 628 2.38 -2.34 -24.46
CA LEU A 628 3.69 -2.57 -23.88
C LEU A 628 3.60 -3.50 -22.66
N LYS A 629 2.52 -3.38 -21.88
CA LYS A 629 2.32 -4.25 -20.74
C LYS A 629 2.07 -5.69 -21.18
N SER A 630 1.15 -5.86 -22.12
CA SER A 630 0.80 -7.18 -22.64
C SER A 630 2.01 -7.89 -23.25
N THR A 631 2.83 -7.14 -23.97
CA THR A 631 3.97 -7.70 -24.66
C THR A 631 5.19 -7.82 -23.74
N GLY A 632 5.07 -7.33 -22.52
CA GLY A 632 6.18 -7.36 -21.58
C GLY A 632 7.35 -6.54 -22.07
N ASP A 633 7.07 -5.54 -22.90
CA ASP A 633 8.10 -4.68 -23.47
C ASP A 633 8.59 -3.69 -22.43
N VAL A 634 9.51 -4.14 -21.58
CA VAL A 634 9.99 -3.34 -20.47
C VAL A 634 10.77 -2.10 -20.92
N ALA A 635 11.61 -2.27 -21.95
CA ALA A 635 12.39 -1.16 -22.48
C ALA A 635 11.49 -0.07 -23.03
N GLY A 636 10.50 -0.48 -23.82
CA GLY A 636 9.53 0.46 -24.37
C GLY A 636 8.63 1.00 -23.27
N GLY A 637 8.32 0.16 -22.30
CA GLY A 637 7.48 0.55 -21.18
C GLY A 637 8.13 1.62 -20.33
N ARG A 638 9.42 1.46 -20.06
CA ARG A 638 10.16 2.44 -19.27
C ARG A 638 10.36 3.73 -20.03
N ALA A 639 10.72 3.63 -21.31
CA ALA A 639 10.93 4.79 -22.16
C ALA A 639 9.69 5.69 -22.19
N LEU A 640 8.52 5.06 -22.25
CA LEU A 640 7.26 5.79 -22.27
C LEU A 640 6.92 6.38 -20.90
N TYR A 641 6.95 5.54 -19.87
CA TYR A 641 6.48 5.96 -18.55
C TYR A 641 7.45 6.89 -17.84
N GLU A 642 8.73 6.53 -17.83
CA GLU A 642 9.74 7.35 -17.17
C GLU A 642 9.95 8.66 -17.92
N GLY A 643 9.52 8.70 -19.17
CA GLY A 643 9.56 9.92 -19.96
C GLY A 643 8.56 10.94 -19.44
N TYR A 644 7.32 10.51 -19.25
CA TYR A 644 6.28 11.38 -18.73
C TYR A 644 6.48 11.70 -17.25
N ALA A 645 7.13 10.79 -16.53
CA ALA A 645 7.36 10.95 -15.10
C ALA A 645 8.55 11.85 -14.82
N THR A 646 9.24 12.28 -15.88
CA THR A 646 10.39 13.17 -15.76
C THR A 646 9.96 14.54 -15.25
N VAL A 647 10.63 15.00 -14.19
CA VAL A 647 10.32 16.29 -13.60
C VAL A 647 11.44 17.30 -13.83
N THR A 648 11.14 18.35 -14.58
CA THR A 648 12.11 19.41 -14.84
C THR A 648 11.49 20.78 -14.61
N ASP A 649 12.33 21.81 -14.61
CA ASP A 649 11.85 23.18 -14.45
C ASP A 649 11.68 23.83 -15.81
N ALA A 650 11.46 23.00 -16.82
CA ALA A 650 11.22 23.46 -18.18
C ALA A 650 9.95 24.29 -18.25
N PRO A 651 9.97 25.39 -19.03
CA PRO A 651 8.80 26.25 -19.22
C PRO A 651 7.76 25.58 -20.10
N PRO A 652 6.49 26.02 -20.02
CA PRO A 652 6.00 27.09 -19.14
C PRO A 652 5.62 26.63 -17.73
N GLU A 653 5.45 25.32 -17.53
CA GLU A 653 4.99 24.80 -16.25
C GLU A 653 6.00 25.03 -15.13
N SER A 654 7.28 24.74 -15.41
CA SER A 654 8.34 24.83 -14.41
C SER A 654 7.96 24.08 -13.14
N PHE A 655 7.92 22.75 -13.25
CA PHE A 655 7.41 21.89 -12.17
C PHE A 655 8.27 21.92 -10.91
N LEU A 656 9.58 22.04 -11.07
CA LEU A 656 10.48 22.07 -9.92
C LEU A 656 10.22 23.28 -9.03
N THR A 657 9.89 24.40 -9.66
CA THR A 657 9.51 25.61 -8.93
C THR A 657 8.15 25.40 -8.29
N LEU A 658 7.22 24.83 -9.04
CA LEU A 658 5.87 24.54 -8.54
C LEU A 658 5.92 23.62 -7.32
N ARG A 659 6.85 22.67 -7.34
CA ARG A 659 7.00 21.71 -6.25
C ARG A 659 7.22 22.39 -4.91
N ASP A 660 8.04 23.44 -4.91
CA ASP A 660 8.33 24.19 -3.70
C ASP A 660 7.08 24.87 -3.14
N THR A 661 6.17 25.22 -4.04
CA THR A 661 4.89 25.81 -3.65
C THR A 661 3.95 24.72 -3.13
N VAL A 662 4.02 23.55 -3.76
CA VAL A 662 3.23 22.39 -3.34
C VAL A 662 3.61 21.94 -1.94
N LEU A 663 4.91 21.94 -1.66
CA LEU A 663 5.41 21.60 -0.33
C LEU A 663 4.99 22.64 0.71
N LEU A 664 5.01 23.90 0.30
CA LEU A 664 4.67 25.02 1.18
C LEU A 664 3.23 24.94 1.68
N ARG A 665 2.34 24.51 0.78
CA ARG A 665 0.92 24.49 1.11
C ARG A 665 0.37 23.07 1.19
N LYS A 666 1.24 22.12 1.50
CA LYS A 666 0.82 20.72 1.57
C LYS A 666 0.00 20.45 2.82
N GLU A 667 -0.87 19.44 2.75
CA GLU A 667 -1.68 19.04 3.89
C GLU A 667 -1.34 17.61 4.30
N SER A 668 -0.99 17.43 5.57
CA SER A 668 -0.67 16.11 6.08
C SER A 668 -1.88 15.19 6.06
N ARG A 669 -1.67 13.96 5.60
CA ARG A 669 -2.74 12.97 5.58
C ARG A 669 -3.10 12.57 7.01
N LYS A 670 -4.40 12.34 7.23
CA LYS A 670 -4.89 12.07 8.56
C LYS A 670 -4.49 10.68 9.07
N LEU A 671 -4.42 10.55 10.39
CA LEU A 671 -4.22 9.24 11.01
C LEU A 671 -5.58 8.61 11.28
N ILE A 672 -5.68 7.30 11.12
CA ILE A 672 -6.94 6.61 11.33
C ILE A 672 -6.87 5.66 12.52
N VAL A 673 -7.78 5.86 13.47
CA VAL A 673 -7.88 4.96 14.61
C VAL A 673 -8.81 3.81 14.30
N GLN A 674 -8.40 2.60 14.64
CA GLN A 674 -9.22 1.42 14.40
C GLN A 674 -9.70 0.86 15.73
N PRO A 675 -10.89 0.21 15.73
CA PRO A 675 -11.42 -0.35 16.97
C PRO A 675 -10.76 -1.68 17.35
N ASN A 676 -11.09 -2.19 18.52
CA ASN A 676 -10.65 -3.51 18.96
C ASN A 676 -11.84 -4.41 19.23
N THR A 677 -11.63 -5.71 19.16
CA THR A 677 -12.64 -6.68 19.56
C THR A 677 -12.12 -7.50 20.73
N ARG A 678 -12.93 -7.61 21.77
CA ARG A 678 -12.55 -8.35 22.97
C ARG A 678 -13.51 -9.51 23.21
N LEU A 679 -12.99 -10.58 23.80
CA LEU A 679 -13.79 -11.76 24.09
C LEU A 679 -14.12 -11.83 25.58
N GLU A 680 -15.42 -11.72 25.89
CA GLU A 680 -15.87 -11.85 27.27
C GLU A 680 -16.18 -13.31 27.60
N GLY A 681 -15.27 -14.20 27.22
CA GLY A 681 -15.48 -15.63 27.41
C GLY A 681 -16.41 -16.19 26.36
N SER A 682 -17.64 -15.68 26.33
CA SER A 682 -18.63 -16.12 25.37
C SER A 682 -18.90 -15.06 24.31
N ASP A 683 -19.19 -13.84 24.75
CA ASP A 683 -19.57 -12.76 23.84
C ASP A 683 -18.35 -11.96 23.35
N VAL A 684 -18.46 -11.44 22.13
CA VAL A 684 -17.43 -10.57 21.56
C VAL A 684 -17.90 -9.12 21.62
N GLN A 685 -17.07 -8.25 22.20
CA GLN A 685 -17.40 -6.83 22.30
C GLN A 685 -16.49 -5.98 21.44
N LEU A 686 -17.03 -4.86 20.94
CA LEU A 686 -16.26 -3.93 20.13
C LEU A 686 -15.85 -2.72 20.95
N LEU A 687 -14.55 -2.45 21.01
CA LEU A 687 -14.03 -1.31 21.75
C LEU A 687 -13.64 -0.17 20.81
N GLU A 688 -14.18 1.01 21.08
CA GLU A 688 -13.91 2.17 20.24
C GLU A 688 -13.15 3.24 21.01
N TYR A 689 -12.48 4.13 20.27
CA TYR A 689 -11.55 5.07 20.88
C TYR A 689 -11.71 6.48 20.35
N GLU A 690 -11.12 7.44 21.06
CA GLU A 690 -11.19 8.84 20.68
C GLU A 690 -10.45 9.09 19.36
N ALA A 691 -11.00 9.99 18.54
CA ALA A 691 -10.34 10.38 17.30
C ALA A 691 -9.23 11.38 17.58
N SER A 692 -8.16 10.90 18.21
CA SER A 692 -7.02 11.75 18.54
C SER A 692 -5.76 10.90 18.61
N ALA A 693 -4.62 11.55 18.82
CA ALA A 693 -3.35 10.86 18.96
C ALA A 693 -3.40 9.94 20.17
N ALA A 694 -3.88 10.47 21.29
CA ALA A 694 -4.01 9.69 22.51
C ALA A 694 -4.96 8.51 22.31
N GLY A 695 -6.03 8.73 21.55
CA GLY A 695 -6.99 7.69 21.26
C GLY A 695 -6.38 6.58 20.42
N LEU A 696 -5.57 6.97 19.45
CA LEU A 696 -4.90 6.01 18.58
C LEU A 696 -3.91 5.19 19.39
N ILE A 697 -3.22 5.86 20.31
CA ILE A 697 -2.26 5.20 21.20
C ILE A 697 -2.95 4.18 22.09
N ARG A 698 -4.08 4.58 22.68
CA ARG A 698 -4.84 3.70 23.54
C ARG A 698 -5.34 2.47 22.79
N SER A 699 -5.68 2.65 21.51
CA SER A 699 -6.21 1.56 20.69
C SER A 699 -5.17 0.46 20.50
N PHE A 700 -3.90 0.85 20.49
CA PHE A 700 -2.81 -0.12 20.36
C PHE A 700 -2.40 -0.65 21.74
N SER A 701 -2.57 0.17 22.76
CA SER A 701 -2.27 -0.23 24.13
C SER A 701 -3.18 -1.38 24.57
N GLU A 702 -4.41 -1.39 24.05
CA GLU A 702 -5.38 -2.41 24.42
C GLU A 702 -5.50 -3.49 23.34
N ARG A 703 -4.63 -3.42 22.35
CA ARG A 703 -4.75 -4.29 21.18
C ARG A 703 -4.23 -5.71 21.44
N PHE A 704 -3.23 -5.83 22.31
CA PHE A 704 -2.67 -7.14 22.64
C PHE A 704 -2.67 -7.40 24.15
N PRO A 705 -3.85 -7.65 24.72
CA PRO A 705 -3.97 -7.81 26.18
C PRO A 705 -3.33 -9.08 26.72
N GLU A 706 -3.31 -10.14 25.92
CA GLU A 706 -2.80 -11.43 26.38
C GLU A 706 -1.28 -11.47 26.45
N ASP A 707 -0.62 -11.02 25.39
CA ASP A 707 0.82 -11.22 25.24
C ASP A 707 1.56 -9.97 24.78
N GLY A 708 1.08 -8.80 25.19
CA GLY A 708 1.71 -7.54 24.85
C GLY A 708 3.21 -7.49 25.11
N PRO A 709 3.64 -7.67 26.37
CA PRO A 709 5.06 -7.69 26.73
C PRO A 709 5.86 -8.76 25.99
N GLU A 710 5.23 -9.86 25.62
CA GLU A 710 5.92 -10.92 24.89
C GLU A 710 6.25 -10.47 23.47
N LEU A 711 5.32 -9.73 22.85
CA LEU A 711 5.51 -9.22 21.50
C LEU A 711 6.62 -8.18 21.48
N GLU A 712 6.69 -7.38 22.55
CA GLU A 712 7.75 -6.39 22.69
C GLU A 712 9.13 -7.07 22.68
N GLU A 713 9.24 -8.17 23.41
CA GLU A 713 10.48 -8.92 23.51
C GLU A 713 10.80 -9.64 22.20
N ILE A 714 9.76 -10.12 21.52
CA ILE A 714 9.93 -10.78 20.23
C ILE A 714 10.48 -9.82 19.18
N LEU A 715 9.87 -8.65 19.08
CA LEU A 715 10.30 -7.63 18.13
C LEU A 715 11.74 -7.18 18.41
N THR A 716 12.06 -7.02 19.70
CA THR A 716 13.41 -6.62 20.10
C THR A 716 14.42 -7.69 19.71
N GLN A 717 14.04 -8.95 19.92
CA GLN A 717 14.92 -10.08 19.63
C GLN A 717 15.21 -10.21 18.14
N LEU A 718 14.16 -10.18 17.32
CA LEU A 718 14.30 -10.30 15.87
C LEU A 718 15.12 -9.15 15.28
N ALA A 719 14.94 -7.96 15.84
CA ALA A 719 15.69 -6.79 15.39
C ALA A 719 17.18 -6.94 15.68
N THR A 720 17.50 -7.35 16.90
CA THR A 720 18.88 -7.51 17.35
C THR A 720 19.63 -8.56 16.55
N ALA A 721 18.92 -9.62 16.15
CA ALA A 721 19.53 -10.70 15.38
C ALA A 721 19.98 -10.24 13.99
N ASP A 722 19.32 -9.20 13.47
CA ASP A 722 19.61 -8.70 12.14
C ASP A 722 20.39 -7.38 12.15
N ALA A 723 20.82 -6.96 13.34
CA ALA A 723 21.44 -5.64 13.52
C ALA A 723 22.67 -5.41 12.64
N ARG A 724 23.38 -6.48 12.31
CA ARG A 724 24.64 -6.36 11.56
C ARG A 724 24.42 -5.94 10.11
N PHE A 725 23.20 -6.13 9.61
CA PHE A 725 22.89 -5.86 8.21
C PHE A 725 22.81 -4.37 7.89
N TRP A 726 22.69 -3.53 8.92
CA TRP A 726 22.51 -2.10 8.71
C TRP A 726 23.39 -1.27 9.63
N TYR B 1 -3.60 -5.25 -5.40
CA TYR B 1 -3.59 -3.85 -5.77
C TYR B 1 -4.42 -3.02 -4.80
N GLY B 2 -3.78 -2.03 -4.17
CA GLY B 2 -4.45 -1.15 -3.24
C GLY B 2 -4.72 0.21 -3.83
N GLY B 3 -5.78 0.86 -3.37
CA GLY B 3 -6.13 2.18 -3.84
C GLY B 3 -6.21 3.19 -2.72
N PHE B 4 -5.24 4.10 -2.68
CA PHE B 4 -5.20 5.14 -1.67
C PHE B 4 -5.73 6.44 -2.26
N LEU B 5 -6.12 7.37 -1.38
CA LEU B 5 -6.78 8.62 -1.77
C LEU B 5 -8.11 8.34 -2.47
#